data_6PTR
#
_entry.id   6PTR
#
_cell.length_a   91.950
_cell.length_b   93.130
_cell.length_c   110.740
_cell.angle_alpha   90.000
_cell.angle_beta   90.000
_cell.angle_gamma   90.000
#
_symmetry.space_group_name_H-M   'P 21 21 21'
#
loop_
_entity.id
_entity.type
_entity.pdbx_description
1 polymer 'Beta sliding clamp'
2 polymer ACE-MVA-MP8-NZC-LEU-MP8-LEU-MVA-PRO-MLU-GLY
3 non-polymer 1,2-ETHANEDIOL
4 non-polymer 'IODIDE ION'
5 water water
#
loop_
_entity_poly.entity_id
_entity_poly.type
_entity_poly.pdbx_seq_one_letter_code
_entity_poly.pdbx_strand_id
1 'polypeptide(L)'
;MAHHHHHHMRITVDRSQFFKSLGRVHRVVERRNTVPILSNVLIDAENGSVQLKATDLDLEVTESFTVNIEKAGAITVPAY
LLYDIVRKLPDGSEIVLSVDENQASAMSIVSGCTHFQLQCLPKIDFPESLPGQFGCRFFLSASKLKHLLDCTQFAISTEE
TRYYLNGIYFHIVHDDVLKLRLVATDGHRLAQVDMEAPSGVDGMPGVIIPRKAVGELQKLLSEEIDGDVCIELSETKIRF
SLGSVVFTSKLVDGTFPDYQRVIPLGNDRKLIVNRQDFSSAVDRVSTISNDRGRAVKLTIEHGQLKLVVNNPDSGSAEDQ
LAATYTSEPLEIGFNSRYLLDIAGQLSSDEMVFMLSDAVAPALIRDNNNAEVLYVLMPVRV
;
A,B
2 'polypeptide(L)' (ACE)(MVA)(MP8)(NZC)L(MP8)L(MVA)P(MLU)G X,Y
#
loop_
_chem_comp.id
_chem_comp.type
_chem_comp.name
_chem_comp.formula
ACE non-polymer 'ACETYL GROUP' 'C2 H4 O'
EDO non-polymer 1,2-ETHANEDIOL 'C2 H6 O2'
IOD non-polymer 'IODIDE ION' 'I -1'
#
# COMPACT_ATOMS: atom_id res chain seq x y z
N HIS A 8 -5.60 -2.92 40.82
CA HIS A 8 -4.57 -1.94 40.49
C HIS A 8 -3.35 -2.63 39.88
N MET A 9 -3.45 -2.97 38.61
CA MET A 9 -2.40 -3.69 37.91
C MET A 9 -1.10 -2.87 37.81
N ARG A 10 0.04 -3.54 37.92
CA ARG A 10 1.32 -2.90 37.63
C ARG A 10 2.28 -3.98 37.14
N ILE A 11 2.70 -3.90 35.87
CA ILE A 11 3.63 -4.88 35.32
C ILE A 11 4.72 -4.17 34.53
N THR A 12 5.88 -4.79 34.46
CA THR A 12 7.00 -4.29 33.67
C THR A 12 7.29 -5.35 32.62
N VAL A 13 7.24 -4.96 31.35
CA VAL A 13 7.38 -5.92 30.26
C VAL A 13 8.51 -5.48 29.35
N ASP A 14 9.11 -6.44 28.69
CA ASP A 14 10.13 -6.16 27.68
CA ASP A 14 10.12 -6.11 27.70
C ASP A 14 9.45 -5.69 26.41
N ARG A 15 9.94 -4.60 25.82
CA ARG A 15 9.24 -4.02 24.68
C ARG A 15 9.11 -5.02 23.54
N SER A 16 10.22 -5.71 23.21
CA SER A 16 10.21 -6.61 22.06
C SER A 16 9.24 -7.77 22.27
N GLN A 17 9.31 -8.42 23.45
CA GLN A 17 8.38 -9.51 23.74
C GLN A 17 6.94 -9.03 23.69
N PHE A 18 6.66 -7.85 24.26
CA PHE A 18 5.29 -7.35 24.30
C PHE A 18 4.81 -6.98 22.91
N PHE A 19 5.67 -6.36 22.10
CA PHE A 19 5.28 -6.00 20.74
C PHE A 19 4.94 -7.25 19.94
N LYS A 20 5.78 -8.29 20.05
CA LYS A 20 5.52 -9.54 19.33
C LYS A 20 4.19 -10.15 19.75
N SER A 21 3.93 -10.18 21.08
CA SER A 21 2.73 -10.81 21.58
C SER A 21 1.49 -10.00 21.23
N LEU A 22 1.59 -8.67 21.35
CA LEU A 22 0.48 -7.82 20.94
C LEU A 22 0.21 -7.93 19.44
N GLY A 23 1.28 -8.06 18.65
CA GLY A 23 1.11 -8.27 17.22
C GLY A 23 0.32 -9.52 16.87
N ARG A 24 0.42 -10.56 17.71
CA ARG A 24 -0.28 -11.81 17.44
C ARG A 24 -1.76 -11.75 17.78
N VAL A 25 -2.18 -10.85 18.68
CA VAL A 25 -3.57 -10.80 19.07
C VAL A 25 -4.32 -9.62 18.47
N HIS A 26 -3.68 -8.49 18.21
CA HIS A 26 -4.46 -7.31 17.88
C HIS A 26 -5.14 -7.44 16.51
N ARG A 27 -4.65 -8.34 15.65
CA ARG A 27 -5.17 -8.50 14.29
C ARG A 27 -6.60 -8.99 14.24
N VAL A 28 -7.09 -9.64 15.29
CA VAL A 28 -8.43 -10.18 15.20
C VAL A 28 -9.50 -9.12 15.45
N VAL A 29 -9.18 -8.05 16.18
CA VAL A 29 -10.20 -7.04 16.42
C VAL A 29 -10.39 -6.23 15.14
N GLU A 30 -11.63 -5.82 14.89
CA GLU A 30 -11.88 -4.83 13.85
C GLU A 30 -11.46 -3.47 14.39
N ARG A 31 -10.90 -2.64 13.50
CA ARG A 31 -10.45 -1.32 13.94
C ARG A 31 -11.62 -0.49 14.47
N ARG A 32 -12.78 -0.61 13.83
CA ARG A 32 -13.97 0.17 14.19
C ARG A 32 -15.06 -0.73 14.73
N ASN A 33 -15.69 -0.29 15.83
CA ASN A 33 -16.74 -1.09 16.44
C ASN A 33 -17.76 -0.21 17.16
N THR A 34 -19.03 -0.57 17.00
CA THR A 34 -20.14 0.07 17.70
C THR A 34 -20.21 -0.32 19.17
N VAL A 35 -19.57 -1.42 19.54
CA VAL A 35 -19.41 -1.80 20.94
C VAL A 35 -17.94 -1.57 21.27
N PRO A 36 -17.59 -0.46 21.90
CA PRO A 36 -16.18 -0.03 21.91
C PRO A 36 -15.19 -1.02 22.50
N ILE A 37 -15.60 -1.78 23.52
CA ILE A 37 -14.61 -2.65 24.15
C ILE A 37 -14.16 -3.75 23.22
N LEU A 38 -14.94 -4.05 22.17
CA LEU A 38 -14.50 -5.10 21.25
C LEU A 38 -13.28 -4.67 20.45
N SER A 39 -12.96 -3.38 20.45
CA SER A 39 -11.73 -2.87 19.84
C SER A 39 -10.55 -2.92 20.80
N ASN A 40 -10.74 -3.45 22.01
CA ASN A 40 -9.71 -3.40 23.03
C ASN A 40 -9.06 -4.76 23.19
N VAL A 41 -7.81 -4.75 23.65
CA VAL A 41 -7.15 -5.97 24.08
C VAL A 41 -7.25 -6.04 25.59
N LEU A 42 -7.62 -7.21 26.11
CA LEU A 42 -7.62 -7.46 27.54
C LEU A 42 -6.22 -7.84 27.96
N ILE A 43 -5.67 -7.11 28.92
CA ILE A 43 -4.36 -7.40 29.49
C ILE A 43 -4.63 -7.93 30.88
N ASP A 44 -4.30 -9.19 31.11
CA ASP A 44 -4.67 -9.88 32.35
C ASP A 44 -3.42 -10.50 32.94
N ALA A 45 -2.94 -9.90 34.04
CA ALA A 45 -1.66 -10.27 34.65
C ALA A 45 -1.88 -10.94 35.99
N GLU A 46 -1.40 -12.18 36.10
CA GLU A 46 -1.59 -12.93 37.34
C GLU A 46 -0.66 -14.13 37.33
N ASN A 47 -0.20 -14.50 38.53
CA ASN A 47 0.58 -15.72 38.75
CA ASN A 47 0.57 -15.72 38.73
C ASN A 47 1.78 -15.80 37.80
N GLY A 48 2.53 -14.69 37.74
CA GLY A 48 3.74 -14.67 36.96
C GLY A 48 3.56 -14.71 35.45
N SER A 49 2.37 -14.38 34.96
CA SER A 49 2.14 -14.44 33.53
C SER A 49 1.09 -13.42 33.16
N VAL A 50 1.23 -12.85 31.97
CA VAL A 50 0.21 -11.96 31.45
CA VAL A 50 0.27 -11.93 31.39
C VAL A 50 -0.37 -12.61 30.20
N GLN A 51 -1.69 -12.55 30.12
CA GLN A 51 -2.43 -13.07 28.98
C GLN A 51 -3.01 -11.88 28.25
N LEU A 52 -2.79 -11.83 26.94
CA LEU A 52 -3.41 -10.82 26.11
C LEU A 52 -4.57 -11.51 25.41
N LYS A 53 -5.76 -10.90 25.45
CA LYS A 53 -6.93 -11.53 24.84
C LYS A 53 -7.62 -10.55 23.92
N ALA A 54 -8.02 -11.01 22.73
CA ALA A 54 -8.81 -10.16 21.86
C ALA A 54 -9.92 -11.01 21.25
N THR A 55 -11.03 -10.36 20.88
CA THR A 55 -12.15 -11.10 20.34
C THR A 55 -12.97 -10.21 19.42
N ASP A 56 -13.64 -10.83 18.45
CA ASP A 56 -14.70 -10.14 17.72
C ASP A 56 -16.06 -10.78 18.01
N LEU A 57 -16.11 -11.56 19.10
CA LEU A 57 -17.22 -12.34 19.62
C LEU A 57 -17.33 -13.71 18.93
N ASP A 58 -16.86 -13.82 17.68
CA ASP A 58 -16.91 -15.11 16.97
C ASP A 58 -15.59 -15.84 17.02
N LEU A 59 -14.52 -15.10 16.99
CA LEU A 59 -13.16 -15.61 17.05
C LEU A 59 -12.49 -14.95 18.25
N GLU A 60 -11.77 -15.74 19.03
CA GLU A 60 -11.08 -15.23 20.20
C GLU A 60 -9.63 -15.73 20.15
N VAL A 61 -8.69 -14.89 20.56
CA VAL A 61 -7.30 -15.33 20.60
C VAL A 61 -6.75 -14.92 21.95
N THR A 62 -5.93 -15.80 22.52
CA THR A 62 -5.16 -15.47 23.72
C THR A 62 -3.69 -15.78 23.45
N GLU A 63 -2.81 -14.91 23.96
CA GLU A 63 -1.40 -15.23 24.00
C GLU A 63 -0.89 -14.94 25.41
N SER A 64 -0.04 -15.80 25.92
CA SER A 64 0.48 -15.65 27.26
CA SER A 64 0.48 -15.68 27.27
C SER A 64 2.00 -15.60 27.25
N PHE A 65 2.57 -14.86 28.20
CA PHE A 65 4.00 -14.92 28.37
C PHE A 65 4.31 -14.62 29.82
N THR A 66 5.40 -15.21 30.30
CA THR A 66 5.76 -15.11 31.70
C THR A 66 6.36 -13.75 31.98
N VAL A 67 6.05 -13.22 33.18
CA VAL A 67 6.48 -11.90 33.61
C VAL A 67 6.49 -11.91 35.12
N ASN A 68 7.52 -11.32 35.72
CA ASN A 68 7.44 -11.03 37.14
C ASN A 68 6.53 -9.83 37.32
N ILE A 69 5.38 -10.04 37.96
CA ILE A 69 4.31 -9.07 38.07
C ILE A 69 4.46 -8.32 39.38
N GLU A 70 4.41 -6.98 39.33
CA GLU A 70 4.53 -6.23 40.57
C GLU A 70 3.20 -6.18 41.31
N LYS A 71 2.11 -5.85 40.61
CA LYS A 71 0.75 -5.93 41.16
C LYS A 71 -0.14 -6.63 40.15
N ALA A 72 -0.72 -7.76 40.55
CA ALA A 72 -1.59 -8.47 39.63
C ALA A 72 -2.83 -7.63 39.33
N GLY A 73 -3.45 -7.88 38.20
CA GLY A 73 -4.62 -7.12 37.84
C GLY A 73 -4.86 -7.19 36.35
N ALA A 74 -5.97 -6.55 35.94
CA ALA A 74 -6.39 -6.62 34.54
C ALA A 74 -7.00 -5.30 34.10
N ILE A 75 -6.93 -5.07 32.77
CA ILE A 75 -7.52 -3.85 32.18
C ILE A 75 -7.60 -4.11 30.68
N THR A 76 -8.50 -3.39 29.99
CA THR A 76 -8.54 -3.45 28.53
C THR A 76 -8.24 -2.07 27.94
N VAL A 77 -7.53 -2.06 26.80
CA VAL A 77 -7.10 -0.81 26.16
C VAL A 77 -7.24 -0.97 24.66
N PRO A 78 -7.51 0.12 23.94
CA PRO A 78 -7.69 0.01 22.48
C PRO A 78 -6.48 -0.63 21.82
N ALA A 79 -6.73 -1.68 21.04
CA ALA A 79 -5.63 -2.56 20.64
C ALA A 79 -4.76 -1.97 19.55
N TYR A 80 -5.35 -1.35 18.52
CA TYR A 80 -4.52 -0.80 17.45
C TYR A 80 -3.73 0.40 17.94
N LEU A 81 -4.33 1.23 18.80
CA LEU A 81 -3.59 2.35 19.38
C LEU A 81 -2.44 1.85 20.24
N LEU A 82 -2.68 0.86 21.09
CA LEU A 82 -1.58 0.33 21.89
C LEU A 82 -0.47 -0.23 21.01
N TYR A 83 -0.84 -1.00 19.98
CA TYR A 83 0.15 -1.53 19.06
C TYR A 83 0.97 -0.42 18.42
N ASP A 84 0.29 0.64 17.96
CA ASP A 84 0.99 1.74 17.30
C ASP A 84 1.91 2.47 18.26
N ILE A 85 1.51 2.60 19.53
CA ILE A 85 2.39 3.18 20.55
C ILE A 85 3.62 2.31 20.75
N VAL A 86 3.41 1.00 20.97
CA VAL A 86 4.55 0.14 21.26
C VAL A 86 5.49 0.04 20.08
N ARG A 87 4.95 0.10 18.86
CA ARG A 87 5.80 0.10 17.67
CA ARG A 87 5.80 0.09 17.67
C ARG A 87 6.88 1.17 17.74
N LYS A 88 6.54 2.35 18.27
CA LYS A 88 7.43 3.49 18.32
C LYS A 88 8.33 3.52 19.54
N LEU A 89 8.12 2.64 20.49
CA LEU A 89 8.98 2.59 21.65
C LEU A 89 10.26 1.81 21.32
N PRO A 90 11.40 2.23 21.87
CA PRO A 90 12.68 1.75 21.36
C PRO A 90 12.89 0.27 21.61
N ASP A 91 13.37 -0.41 20.57
CA ASP A 91 13.89 -1.77 20.71
C ASP A 91 14.84 -1.81 21.90
N GLY A 92 14.63 -2.77 22.78
CA GLY A 92 15.47 -2.89 23.96
C GLY A 92 15.15 -1.93 25.08
N SER A 93 13.91 -1.50 25.21
CA SER A 93 13.44 -0.75 26.36
C SER A 93 12.52 -1.62 27.22
N GLU A 94 12.21 -1.12 28.41
CA GLU A 94 11.21 -1.71 29.29
C GLU A 94 9.99 -0.81 29.34
N ILE A 95 8.82 -1.42 29.45
CA ILE A 95 7.57 -0.70 29.49
C ILE A 95 6.88 -1.02 30.79
N VAL A 96 6.48 0.00 31.54
CA VAL A 96 5.68 -0.18 32.74
C VAL A 96 4.24 0.16 32.39
N LEU A 97 3.35 -0.84 32.55
CA LEU A 97 1.92 -0.71 32.33
C LEU A 97 1.23 -0.74 33.70
N SER A 98 0.46 0.30 34.03
CA SER A 98 -0.08 0.30 35.39
C SER A 98 -1.45 0.96 35.40
N VAL A 99 -2.23 0.60 36.41
CA VAL A 99 -3.56 1.16 36.64
C VAL A 99 -3.60 1.65 38.07
N ASP A 100 -3.94 2.92 38.24
CA ASP A 100 -4.04 3.53 39.56
C ASP A 100 -5.49 3.54 40.00
N GLU A 101 -5.75 3.06 41.21
CA GLU A 101 -7.12 3.03 41.73
C GLU A 101 -7.45 4.31 42.48
N ALA A 106 -8.11 4.84 33.50
CA ALA A 106 -6.95 5.08 32.66
C ALA A 106 -5.83 4.07 32.96
N MET A 107 -5.10 3.68 31.92
CA MET A 107 -3.89 2.89 32.07
C MET A 107 -2.69 3.76 31.71
N SER A 108 -1.70 3.75 32.59
CA SER A 108 -0.43 4.41 32.36
C SER A 108 0.51 3.49 31.60
N ILE A 109 1.22 4.06 30.61
CA ILE A 109 2.30 3.38 29.89
C ILE A 109 3.53 4.25 30.03
N VAL A 110 4.60 3.73 30.64
CA VAL A 110 5.80 4.50 30.86
C VAL A 110 6.97 3.80 30.19
N SER A 111 7.72 4.55 29.40
CA SER A 111 8.93 4.02 28.76
C SER A 111 9.93 5.16 28.74
N GLY A 112 10.96 5.06 29.57
CA GLY A 112 11.86 6.18 29.76
C GLY A 112 11.08 7.40 30.23
N CYS A 113 11.29 8.54 29.55
CA CYS A 113 10.53 9.75 29.86
C CYS A 113 9.19 9.82 29.14
N THR A 114 8.86 8.83 28.31
CA THR A 114 7.61 8.83 27.59
C THR A 114 6.51 8.24 28.48
N HIS A 115 5.40 8.97 28.62
CA HIS A 115 4.31 8.55 29.51
C HIS A 115 2.98 8.75 28.80
N PHE A 116 2.24 7.67 28.61
CA PHE A 116 0.88 7.76 28.08
C PHE A 116 -0.12 7.47 29.19
N GLN A 117 -1.25 8.16 29.15
CA GLN A 117 -2.42 7.80 29.97
C GLN A 117 -3.55 7.51 28.99
N LEU A 118 -3.92 6.24 28.85
CA LEU A 118 -4.92 5.88 27.85
C LEU A 118 -6.26 5.58 28.49
N GLN A 119 -7.32 6.09 27.88
CA GLN A 119 -8.68 5.74 28.28
C GLN A 119 -8.85 4.23 28.14
N CYS A 120 -9.32 3.58 29.20
CA CYS A 120 -9.45 2.13 29.19
CA CYS A 120 -9.42 2.12 29.26
C CYS A 120 -10.83 1.72 29.66
N LEU A 121 -11.11 0.42 29.55
CA LEU A 121 -12.37 -0.15 30.05
C LEU A 121 -12.07 -1.41 30.85
N PRO A 122 -12.87 -1.71 31.87
CA PRO A 122 -12.51 -2.79 32.80
C PRO A 122 -12.74 -4.18 32.23
N LYS A 123 -11.99 -5.13 32.80
CA LYS A 123 -12.14 -6.54 32.45
C LYS A 123 -13.58 -7.04 32.62
N ILE A 124 -14.29 -6.52 33.62
CA ILE A 124 -15.64 -7.03 33.89
C ILE A 124 -16.58 -6.70 32.74
N ASP A 125 -16.23 -5.73 31.89
CA ASP A 125 -17.03 -5.42 30.70
C ASP A 125 -16.60 -6.22 29.47
N PHE A 126 -15.50 -7.03 29.56
CA PHE A 126 -14.95 -7.71 28.38
C PHE A 126 -15.60 -9.08 28.23
N PRO A 127 -16.16 -9.40 27.09
CA PRO A 127 -16.93 -10.64 26.96
C PRO A 127 -15.99 -11.83 26.87
N GLU A 128 -16.02 -12.68 27.88
CA GLU A 128 -15.23 -13.91 27.88
C GLU A 128 -16.16 -15.12 27.81
N SER A 129 -15.57 -16.27 27.50
CA SER A 129 -16.30 -17.52 27.43
C SER A 129 -15.80 -18.47 28.51
N LEU A 130 -16.67 -19.40 28.90
CA LEU A 130 -16.23 -20.49 29.73
C LEU A 130 -15.25 -21.35 28.92
N PRO A 131 -14.32 -22.03 29.57
CA PRO A 131 -13.55 -23.06 28.86
C PRO A 131 -14.51 -24.12 28.35
N GLY A 132 -14.65 -24.24 27.03
CA GLY A 132 -15.67 -25.10 26.46
C GLY A 132 -15.43 -26.57 26.75
N GLN A 133 -16.42 -27.38 26.38
CA GLN A 133 -16.32 -28.83 26.43
C GLN A 133 -16.22 -29.34 24.98
N PHE A 134 -15.09 -29.96 24.66
CA PHE A 134 -14.83 -30.46 23.32
C PHE A 134 -14.87 -31.98 23.31
N GLY A 135 -15.54 -32.55 22.31
CA GLY A 135 -15.66 -33.99 22.21
C GLY A 135 -14.57 -34.67 21.42
N CYS A 136 -13.76 -33.91 20.71
CA CYS A 136 -12.68 -34.44 19.90
CA CYS A 136 -12.67 -34.43 19.90
C CYS A 136 -11.42 -33.63 20.18
N ARG A 137 -10.30 -34.33 20.39
CA ARG A 137 -9.02 -33.69 20.63
C ARG A 137 -7.94 -34.50 19.94
N PHE A 138 -7.15 -33.84 19.10
CA PHE A 138 -6.04 -34.52 18.44
C PHE A 138 -4.96 -33.50 18.09
N PHE A 139 -3.84 -34.00 17.56
CA PHE A 139 -2.67 -33.18 17.30
C PHE A 139 -2.26 -33.30 15.85
N LEU A 140 -1.81 -32.17 15.30
CA LEU A 140 -1.16 -32.11 13.99
C LEU A 140 0.07 -31.26 14.14
N SER A 141 1.11 -31.56 13.37
CA SER A 141 2.25 -30.67 13.37
C SER A 141 1.86 -29.34 12.75
N ALA A 142 2.54 -28.27 13.18
CA ALA A 142 2.23 -26.95 12.64
C ALA A 142 2.45 -26.91 11.14
N SER A 143 3.54 -27.54 10.66
CA SER A 143 3.80 -27.50 9.23
C SER A 143 2.73 -28.28 8.46
N LYS A 144 2.24 -29.38 9.04
CA LYS A 144 1.17 -30.12 8.38
C LYS A 144 -0.09 -29.29 8.30
N LEU A 145 -0.50 -28.71 9.43
CA LEU A 145 -1.72 -27.90 9.39
C LEU A 145 -1.55 -26.74 8.41
N LYS A 146 -0.38 -26.11 8.40
CA LYS A 146 -0.13 -25.02 7.47
C LYS A 146 -0.27 -25.51 6.02
N HIS A 147 0.26 -26.70 5.73
CA HIS A 147 0.10 -27.26 4.39
C HIS A 147 -1.36 -27.43 4.04
N LEU A 148 -2.16 -28.02 4.96
CA LEU A 148 -3.57 -28.24 4.66
C LEU A 148 -4.29 -26.91 4.39
N LEU A 149 -4.03 -25.89 5.20
CA LEU A 149 -4.71 -24.62 5.01
C LEU A 149 -4.18 -23.91 3.76
N ASP A 150 -2.87 -23.98 3.52
CA ASP A 150 -2.31 -23.38 2.32
C ASP A 150 -2.96 -23.95 1.06
N CYS A 151 -3.31 -25.24 1.07
CA CYS A 151 -3.93 -25.85 -0.10
C CYS A 151 -5.35 -25.34 -0.36
N THR A 152 -6.05 -24.86 0.67
CA THR A 152 -7.49 -24.64 0.57
C THR A 152 -7.96 -23.21 0.80
N GLN A 153 -7.16 -22.37 1.48
CA GLN A 153 -7.65 -21.06 1.90
C GLN A 153 -8.10 -20.21 0.71
N PHE A 154 -7.35 -20.23 -0.40
CA PHE A 154 -7.62 -19.32 -1.51
C PHE A 154 -9.01 -19.55 -2.13
N ALA A 155 -9.57 -20.74 -2.00
CA ALA A 155 -10.81 -21.10 -2.67
C ALA A 155 -12.05 -20.84 -1.83
N ILE A 156 -11.90 -20.34 -0.60
CA ILE A 156 -13.06 -20.09 0.23
C ILE A 156 -13.92 -18.98 -0.37
N SER A 157 -15.24 -19.15 -0.33
CA SER A 157 -16.14 -18.09 -0.80
C SER A 157 -16.11 -16.88 0.12
N THR A 158 -16.25 -15.68 -0.48
CA THR A 158 -16.51 -14.47 0.29
C THR A 158 -17.90 -13.90 0.03
N GLU A 159 -18.77 -14.66 -0.62
CA GLU A 159 -20.04 -14.13 -1.07
C GLU A 159 -21.09 -14.29 0.02
N GLU A 160 -21.80 -13.19 0.33
CA GLU A 160 -22.78 -13.22 1.41
C GLU A 160 -23.92 -14.20 1.13
N THR A 161 -24.26 -14.39 -0.13
CA THR A 161 -25.37 -15.25 -0.53
C THR A 161 -24.99 -16.73 -0.55
N ARG A 162 -23.73 -17.09 -0.31
CA ARG A 162 -23.30 -18.48 -0.21
CA ARG A 162 -23.30 -18.48 -0.21
C ARG A 162 -22.59 -18.65 1.13
N TYR A 163 -23.31 -18.32 2.20
CA TYR A 163 -22.71 -18.32 3.53
C TYR A 163 -22.06 -19.65 3.87
N TYR A 164 -22.69 -20.77 3.49
CA TYR A 164 -22.13 -22.05 3.92
C TYR A 164 -20.82 -22.38 3.21
N LEU A 165 -20.49 -21.67 2.13
CA LEU A 165 -19.19 -21.81 1.45
C LEU A 165 -18.14 -20.87 2.02
N ASN A 166 -18.52 -19.97 2.96
CA ASN A 166 -17.55 -19.04 3.54
C ASN A 166 -16.69 -19.69 4.61
N GLY A 167 -16.22 -20.91 4.38
CA GLY A 167 -15.28 -21.52 5.30
C GLY A 167 -14.75 -22.79 4.68
N ILE A 168 -13.96 -23.53 5.46
CA ILE A 168 -13.36 -24.80 5.00
C ILE A 168 -14.13 -25.94 5.64
N TYR A 169 -14.55 -26.90 4.82
CA TYR A 169 -15.21 -28.09 5.35
C TYR A 169 -14.13 -29.07 5.81
N PHE A 170 -14.05 -29.26 7.12
CA PHE A 170 -13.02 -30.01 7.83
C PHE A 170 -13.68 -31.29 8.34
N HIS A 171 -13.29 -32.45 7.77
CA HIS A 171 -14.11 -33.64 7.98
C HIS A 171 -13.29 -34.90 7.78
N ILE A 172 -13.81 -36.03 8.31
CA ILE A 172 -13.19 -37.35 8.17
C ILE A 172 -13.81 -38.06 6.97
N VAL A 173 -12.97 -38.75 6.19
CA VAL A 173 -13.42 -39.52 5.01
C VAL A 173 -13.01 -40.98 5.21
N HIS A 174 -13.99 -41.88 5.08
CA HIS A 174 -13.80 -43.32 5.30
C HIS A 174 -13.45 -44.02 3.98
N ASP A 175 -12.24 -43.74 3.50
CA ASP A 175 -11.71 -44.41 2.32
C ASP A 175 -10.96 -45.68 2.75
N ASP A 176 -10.22 -46.31 1.83
CA ASP A 176 -9.49 -47.51 2.23
C ASP A 176 -8.45 -47.18 3.29
N VAL A 177 -8.07 -45.92 3.37
CA VAL A 177 -7.36 -45.32 4.49
C VAL A 177 -8.30 -44.30 5.11
N LEU A 178 -8.34 -44.22 6.43
CA LEU A 178 -9.12 -43.18 7.09
C LEU A 178 -8.40 -41.84 6.96
N LYS A 179 -9.10 -40.82 6.43
CA LYS A 179 -8.46 -39.56 6.07
C LYS A 179 -9.08 -38.38 6.81
N LEU A 180 -8.25 -37.40 7.15
CA LEU A 180 -8.72 -36.07 7.49
C LEU A 180 -8.66 -35.23 6.23
N ARG A 181 -9.79 -34.61 5.86
CA ARG A 181 -9.88 -33.88 4.59
C ARG A 181 -10.33 -32.45 4.83
N LEU A 182 -9.78 -31.54 4.05
CA LEU A 182 -10.24 -30.15 4.02
C LEU A 182 -10.68 -29.84 2.59
N VAL A 183 -11.87 -29.27 2.45
CA VAL A 183 -12.37 -28.84 1.15
C VAL A 183 -12.83 -27.41 1.25
N ALA A 184 -12.47 -26.61 0.25
CA ALA A 184 -13.01 -25.26 0.13
C ALA A 184 -13.47 -25.04 -1.30
N THR A 185 -14.56 -24.29 -1.46
CA THR A 185 -15.02 -23.94 -2.81
C THR A 185 -15.76 -22.62 -2.75
N ASP A 186 -15.77 -21.93 -3.88
CA ASP A 186 -16.61 -20.75 -4.02
C ASP A 186 -17.63 -20.92 -5.13
N GLY A 187 -17.84 -22.16 -5.58
CA GLY A 187 -18.73 -22.43 -6.71
C GLY A 187 -18.06 -22.38 -8.06
N HIS A 188 -16.82 -21.89 -8.15
CA HIS A 188 -16.09 -21.91 -9.42
C HIS A 188 -14.77 -22.66 -9.33
N ARG A 189 -14.02 -22.39 -8.27
CA ARG A 189 -12.82 -23.12 -7.90
CA ARG A 189 -12.82 -23.11 -7.89
C ARG A 189 -13.14 -24.02 -6.71
N LEU A 190 -12.50 -25.19 -6.66
CA LEU A 190 -12.58 -26.04 -5.49
C LEU A 190 -11.21 -26.60 -5.21
N ALA A 191 -10.87 -26.70 -3.93
CA ALA A 191 -9.61 -27.30 -3.49
C ALA A 191 -9.90 -28.41 -2.50
N GLN A 192 -9.22 -29.54 -2.67
CA GLN A 192 -9.39 -30.67 -1.76
C GLN A 192 -8.01 -31.18 -1.36
N VAL A 193 -7.80 -31.36 -0.07
CA VAL A 193 -6.54 -31.92 0.41
C VAL A 193 -6.84 -32.92 1.52
N ASP A 194 -6.08 -34.02 1.53
CA ASP A 194 -6.25 -35.15 2.43
C ASP A 194 -4.95 -35.43 3.15
N MET A 195 -5.07 -36.02 4.33
CA MET A 195 -3.97 -36.72 4.97
C MET A 195 -4.51 -37.94 5.71
N GLU A 196 -3.61 -38.86 6.04
CA GLU A 196 -4.01 -39.97 6.90
C GLU A 196 -4.50 -39.40 8.21
N ALA A 197 -5.65 -39.86 8.68
CA ALA A 197 -6.25 -39.24 9.87
C ALA A 197 -5.35 -39.45 11.07
N PRO A 198 -5.08 -38.42 11.87
CA PRO A 198 -4.37 -38.61 13.15
C PRO A 198 -5.19 -39.46 14.12
N SER A 199 -4.52 -39.98 15.13
CA SER A 199 -5.26 -40.70 16.15
C SER A 199 -6.11 -39.71 16.94
N GLY A 200 -7.30 -40.15 17.34
CA GLY A 200 -8.18 -39.33 18.14
C GLY A 200 -9.30 -38.66 17.37
N VAL A 201 -9.40 -38.87 16.05
CA VAL A 201 -10.44 -38.23 15.26
C VAL A 201 -11.66 -39.12 15.12
N ASP A 202 -11.70 -40.24 15.86
CA ASP A 202 -12.88 -41.07 15.80
C ASP A 202 -14.08 -40.31 16.34
N GLY A 203 -15.16 -40.32 15.59
CA GLY A 203 -16.37 -39.59 15.93
C GLY A 203 -16.33 -38.12 15.60
N MET A 204 -15.29 -37.64 14.96
CA MET A 204 -15.14 -36.20 14.74
C MET A 204 -16.29 -35.68 13.88
N PRO A 205 -16.99 -34.64 14.31
CA PRO A 205 -18.02 -34.05 13.46
C PRO A 205 -17.40 -33.30 12.28
N GLY A 206 -18.07 -33.37 11.13
CA GLY A 206 -17.64 -32.53 10.02
C GLY A 206 -18.08 -31.10 10.31
N VAL A 207 -17.15 -30.16 10.20
CA VAL A 207 -17.46 -28.78 10.55
C VAL A 207 -16.95 -27.84 9.46
N ILE A 208 -17.53 -26.65 9.43
CA ILE A 208 -17.12 -25.59 8.50
C ILE A 208 -16.38 -24.53 9.31
N ILE A 209 -15.06 -24.44 9.10
CA ILE A 209 -14.22 -23.46 9.79
C ILE A 209 -14.37 -22.11 9.09
N PRO A 210 -14.75 -21.04 9.79
CA PRO A 210 -15.00 -19.77 9.10
C PRO A 210 -13.75 -19.20 8.45
N ARG A 211 -13.99 -18.46 7.36
CA ARG A 211 -12.90 -17.86 6.60
C ARG A 211 -11.99 -16.99 7.46
N LYS A 212 -12.57 -16.18 8.37
CA LYS A 212 -11.72 -15.30 9.15
C LYS A 212 -10.83 -16.07 10.11
N ALA A 213 -11.35 -17.16 10.70
CA ALA A 213 -10.52 -17.99 11.55
C ALA A 213 -9.37 -18.61 10.78
N VAL A 214 -9.63 -19.09 9.55
CA VAL A 214 -8.57 -19.66 8.73
C VAL A 214 -7.48 -18.62 8.51
N GLY A 215 -7.88 -17.40 8.16
CA GLY A 215 -6.90 -16.37 7.85
C GLY A 215 -6.03 -16.03 9.04
N GLU A 216 -6.63 -15.93 10.23
CA GLU A 216 -5.82 -15.58 11.38
C GLU A 216 -4.94 -16.74 11.80
N LEU A 217 -5.47 -17.96 11.73
CA LEU A 217 -4.67 -19.14 12.01
C LEU A 217 -3.50 -19.23 11.05
N GLN A 218 -3.74 -18.95 9.76
CA GLN A 218 -2.65 -18.92 8.79
C GLN A 218 -1.57 -17.93 9.18
N LYS A 219 -1.96 -16.73 9.60
CA LYS A 219 -0.95 -15.72 9.94
C LYS A 219 -0.05 -16.21 11.05
N LEU A 220 -0.60 -16.95 12.02
CA LEU A 220 0.24 -17.46 13.10
C LEU A 220 1.13 -18.60 12.62
N LEU A 221 0.55 -19.55 11.90
CA LEU A 221 1.32 -20.68 11.41
C LEU A 221 2.53 -20.23 10.59
N SER A 222 2.38 -19.15 9.83
CA SER A 222 3.51 -18.67 9.05
C SER A 222 4.60 -18.08 9.93
N GLU A 223 4.21 -17.55 11.09
CA GLU A 223 5.15 -16.98 12.07
C GLU A 223 5.67 -18.02 13.05
N GLU A 224 5.50 -19.30 12.76
CA GLU A 224 5.86 -20.36 13.70
C GLU A 224 6.63 -21.45 12.98
N ILE A 225 7.81 -21.79 13.51
CA ILE A 225 8.53 -22.96 13.02
C ILE A 225 7.80 -24.20 13.53
N ASP A 226 8.46 -25.35 13.45
CA ASP A 226 7.79 -26.61 13.74
C ASP A 226 7.48 -26.75 15.23
N GLY A 227 6.22 -27.04 15.53
CA GLY A 227 5.72 -27.45 16.83
C GLY A 227 4.43 -28.19 16.59
N ASP A 228 3.81 -28.66 17.67
CA ASP A 228 2.54 -29.38 17.58
C ASP A 228 1.34 -28.47 17.85
N VAL A 229 0.27 -28.69 17.09
CA VAL A 229 -0.98 -27.96 17.26
C VAL A 229 -2.00 -28.90 17.86
N CYS A 230 -2.58 -28.53 18.99
CA CYS A 230 -3.68 -29.29 19.57
C CYS A 230 -4.97 -28.74 19.00
N ILE A 231 -5.74 -29.61 18.33
CA ILE A 231 -7.00 -29.24 17.72
C ILE A 231 -8.11 -29.86 18.54
N GLU A 232 -9.05 -29.03 18.98
CA GLU A 232 -10.19 -29.50 19.75
C GLU A 232 -11.45 -29.00 19.09
N LEU A 233 -12.46 -29.86 19.02
CA LEU A 233 -13.66 -29.33 18.38
C LEU A 233 -14.89 -30.00 18.95
N SER A 234 -16.00 -29.29 18.75
CA SER A 234 -17.32 -29.74 19.12
C SER A 234 -18.22 -29.44 17.94
N GLU A 235 -19.52 -29.64 18.12
CA GLU A 235 -20.44 -29.23 17.07
C GLU A 235 -20.68 -27.73 17.06
N THR A 236 -20.10 -26.96 18.01
CA THR A 236 -20.26 -25.51 17.98
C THR A 236 -18.98 -24.69 17.98
N LYS A 237 -17.83 -25.26 18.32
CA LYS A 237 -16.60 -24.47 18.37
C LYS A 237 -15.44 -25.32 17.91
N ILE A 238 -14.39 -24.65 17.45
CA ILE A 238 -13.14 -25.34 17.21
C ILE A 238 -12.03 -24.51 17.85
N ARG A 239 -11.03 -25.19 18.39
CA ARG A 239 -9.95 -24.50 19.08
C ARG A 239 -8.61 -25.06 18.62
N PHE A 240 -7.66 -24.16 18.39
CA PHE A 240 -6.31 -24.51 17.97
C PHE A 240 -5.37 -23.95 19.02
N SER A 241 -4.55 -24.80 19.61
CA SER A 241 -3.57 -24.36 20.60
C SER A 241 -2.18 -24.67 20.05
N LEU A 242 -1.32 -23.67 20.02
CA LEU A 242 0.05 -23.87 19.59
C LEU A 242 0.97 -22.91 20.29
N GLY A 243 2.02 -23.46 20.90
CA GLY A 243 2.91 -22.64 21.70
C GLY A 243 2.11 -21.95 22.76
N SER A 244 2.26 -20.64 22.83
CA SER A 244 1.62 -19.83 23.86
C SER A 244 0.32 -19.22 23.39
N VAL A 245 -0.17 -19.61 22.22
CA VAL A 245 -1.37 -19.00 21.63
C VAL A 245 -2.52 -20.01 21.64
N VAL A 246 -3.72 -19.51 21.90
CA VAL A 246 -4.94 -20.29 21.76
C VAL A 246 -5.93 -19.50 20.90
N PHE A 247 -6.39 -20.12 19.83
CA PHE A 247 -7.37 -19.59 18.90
CA PHE A 247 -7.40 -19.56 18.92
C PHE A 247 -8.66 -20.38 19.10
N THR A 248 -9.77 -19.72 19.40
CA THR A 248 -11.06 -20.41 19.51
C THR A 248 -12.05 -19.70 18.58
N SER A 249 -12.82 -20.47 17.81
CA SER A 249 -13.73 -19.90 16.83
C SER A 249 -15.07 -20.63 16.87
N LYS A 250 -16.14 -19.88 16.66
CA LYS A 250 -17.40 -20.52 16.32
C LYS A 250 -17.28 -21.15 14.94
N LEU A 251 -18.27 -21.96 14.58
CA LEU A 251 -18.27 -22.58 13.25
C LEU A 251 -19.30 -21.90 12.37
N VAL A 252 -19.20 -22.13 11.06
CA VAL A 252 -20.29 -21.72 10.17
C VAL A 252 -21.40 -22.74 10.37
N ASP A 253 -22.55 -22.28 10.83
CA ASP A 253 -23.70 -23.16 11.09
C ASP A 253 -24.42 -23.33 9.76
N GLY A 254 -24.04 -24.36 9.03
CA GLY A 254 -24.61 -24.59 7.72
C GLY A 254 -24.38 -26.02 7.31
N THR A 255 -24.86 -26.34 6.10
CA THR A 255 -24.65 -27.65 5.48
C THR A 255 -23.75 -27.45 4.28
N PHE A 256 -22.58 -28.06 4.31
CA PHE A 256 -21.68 -27.97 3.17
C PHE A 256 -22.24 -28.81 2.03
N PRO A 257 -22.17 -28.33 0.78
CA PRO A 257 -22.76 -29.08 -0.32
C PRO A 257 -22.04 -30.40 -0.56
N ASP A 258 -22.66 -31.24 -1.40
CA ASP A 258 -22.15 -32.57 -1.72
C ASP A 258 -21.05 -32.42 -2.77
N TYR A 259 -19.87 -32.00 -2.28
CA TYR A 259 -18.78 -31.54 -3.15
C TYR A 259 -18.20 -32.67 -4.00
N GLN A 260 -18.32 -33.93 -3.55
CA GLN A 260 -17.71 -35.02 -4.33
C GLN A 260 -18.28 -35.10 -5.74
N ARG A 261 -19.49 -34.58 -5.94
CA ARG A 261 -20.15 -34.63 -7.24
C ARG A 261 -19.51 -33.72 -8.27
N VAL A 262 -18.67 -32.78 -7.87
CA VAL A 262 -18.07 -31.86 -8.84
C VAL A 262 -16.66 -32.26 -9.27
N ILE A 263 -16.06 -33.26 -8.63
CA ILE A 263 -14.66 -33.60 -8.85
C ILE A 263 -14.59 -34.61 -10.00
N PRO A 264 -14.07 -34.22 -11.19
CA PRO A 264 -14.16 -35.06 -12.40
C PRO A 264 -12.97 -36.01 -12.59
N LEU A 265 -12.95 -37.07 -11.79
CA LEU A 265 -11.92 -38.09 -11.89
C LEU A 265 -11.96 -38.89 -13.18
N GLY A 266 -12.91 -38.63 -14.09
CA GLY A 266 -13.01 -39.30 -15.35
C GLY A 266 -12.44 -38.55 -16.55
N ASN A 267 -11.98 -37.32 -16.38
CA ASN A 267 -11.45 -36.53 -17.49
C ASN A 267 -10.21 -37.20 -18.07
N ASP A 268 -10.17 -37.33 -19.39
CA ASP A 268 -9.11 -38.10 -20.02
C ASP A 268 -8.30 -37.31 -21.05
N ARG A 269 -8.50 -36.01 -21.18
CA ARG A 269 -7.70 -35.20 -22.08
C ARG A 269 -6.62 -34.50 -21.25
N LYS A 270 -5.39 -34.98 -21.34
CA LYS A 270 -4.30 -34.45 -20.52
C LYS A 270 -3.55 -33.34 -21.24
N LEU A 271 -3.47 -32.18 -20.60
CA LEU A 271 -2.73 -31.03 -21.10
C LEU A 271 -1.60 -30.73 -20.14
N ILE A 272 -0.36 -30.70 -20.64
CA ILE A 272 0.79 -30.34 -19.81
C ILE A 272 1.40 -29.06 -20.36
N VAL A 273 1.60 -28.07 -19.49
CA VAL A 273 2.25 -26.82 -19.87
C VAL A 273 3.38 -26.55 -18.89
N ASN A 274 4.34 -25.77 -19.33
CA ASN A 274 5.32 -25.21 -18.40
C ASN A 274 4.60 -24.21 -17.50
N ARG A 275 4.64 -24.43 -16.19
CA ARG A 275 3.81 -23.64 -15.28
C ARG A 275 4.17 -22.16 -15.30
N GLN A 276 5.47 -21.84 -15.26
CA GLN A 276 5.86 -20.43 -15.28
C GLN A 276 5.50 -19.77 -16.59
N ASP A 277 5.79 -20.43 -17.72
CA ASP A 277 5.45 -19.87 -19.02
C ASP A 277 3.95 -19.67 -19.17
N PHE A 278 3.17 -20.66 -18.72
CA PHE A 278 1.71 -20.56 -18.77
C PHE A 278 1.21 -19.41 -17.91
N SER A 279 1.68 -19.36 -16.66
CA SER A 279 1.27 -18.29 -15.76
C SER A 279 1.59 -16.93 -16.35
N SER A 280 2.82 -16.77 -16.88
CA SER A 280 3.22 -15.46 -17.41
CA SER A 280 3.18 -15.45 -17.38
C SER A 280 2.39 -15.10 -18.63
N ALA A 281 2.07 -16.09 -19.48
CA ALA A 281 1.27 -15.80 -20.67
C ALA A 281 -0.15 -15.39 -20.30
N VAL A 282 -0.77 -16.10 -19.36
CA VAL A 282 -2.11 -15.73 -18.89
C VAL A 282 -2.08 -14.33 -18.28
N ASP A 283 -1.06 -14.05 -17.47
CA ASP A 283 -0.93 -12.72 -16.89
C ASP A 283 -0.86 -11.67 -17.99
N ARG A 284 -0.05 -11.91 -19.02
CA ARG A 284 0.10 -10.93 -20.08
C ARG A 284 -1.20 -10.68 -20.82
N VAL A 285 -1.85 -11.75 -21.32
CA VAL A 285 -3.04 -11.49 -22.12
C VAL A 285 -4.19 -10.97 -21.26
N SER A 286 -4.21 -11.24 -19.96
CA SER A 286 -5.32 -10.70 -19.17
C SER A 286 -5.19 -9.22 -18.87
N THR A 287 -4.08 -8.58 -19.26
CA THR A 287 -3.88 -7.18 -18.96
C THR A 287 -4.98 -6.33 -19.57
N ILE A 288 -5.59 -6.77 -20.66
CA ILE A 288 -6.60 -5.93 -21.30
C ILE A 288 -7.97 -6.07 -20.67
N SER A 289 -8.17 -7.06 -19.81
CA SER A 289 -9.46 -7.28 -19.15
C SER A 289 -9.66 -6.27 -18.04
N ASN A 290 -10.93 -6.07 -17.69
CA ASN A 290 -11.29 -5.34 -16.48
C ASN A 290 -12.17 -6.21 -15.60
N ASP A 291 -12.96 -5.60 -14.72
CA ASP A 291 -13.81 -6.37 -13.79
C ASP A 291 -15.12 -6.83 -14.42
N ARG A 292 -15.46 -6.37 -15.63
CA ARG A 292 -16.66 -6.80 -16.31
C ARG A 292 -16.55 -8.21 -16.90
N GLY A 293 -15.37 -8.83 -16.82
CA GLY A 293 -15.19 -10.16 -17.37
C GLY A 293 -13.71 -10.48 -17.51
N ARG A 294 -13.28 -11.63 -16.99
CA ARG A 294 -11.88 -12.00 -17.03
C ARG A 294 -11.63 -13.27 -17.85
N ALA A 295 -12.51 -13.59 -18.81
CA ALA A 295 -12.33 -14.86 -19.53
C ALA A 295 -11.08 -14.87 -20.39
N VAL A 296 -10.38 -16.01 -20.39
CA VAL A 296 -9.35 -16.31 -21.38
C VAL A 296 -9.76 -17.59 -22.10
N LYS A 297 -9.72 -17.56 -23.43
CA LYS A 297 -10.01 -18.74 -24.23
C LYS A 297 -8.72 -19.49 -24.51
N LEU A 298 -8.73 -20.79 -24.19
CA LEU A 298 -7.62 -21.69 -24.48
C LEU A 298 -7.99 -22.49 -25.72
N THR A 299 -7.19 -22.36 -26.78
CA THR A 299 -7.40 -23.19 -27.98
C THR A 299 -6.28 -24.22 -27.99
N ILE A 300 -6.64 -25.47 -27.72
CA ILE A 300 -5.67 -26.53 -27.45
C ILE A 300 -5.64 -27.45 -28.64
N GLU A 301 -4.46 -27.58 -29.24
CA GLU A 301 -4.26 -28.51 -30.36
C GLU A 301 -3.04 -29.35 -30.04
N HIS A 302 -2.74 -30.31 -30.91
CA HIS A 302 -1.59 -31.16 -30.66
C HIS A 302 -0.33 -30.33 -30.47
N GLY A 303 0.29 -30.49 -29.30
CA GLY A 303 1.56 -29.87 -29.02
C GLY A 303 1.54 -28.37 -28.83
N GLN A 304 0.37 -27.76 -28.64
CA GLN A 304 0.26 -26.31 -28.79
C GLN A 304 -0.93 -25.76 -28.02
N LEU A 305 -0.73 -24.63 -27.35
CA LEU A 305 -1.81 -23.93 -26.66
C LEU A 305 -1.81 -22.47 -27.10
N LYS A 306 -2.95 -21.98 -27.61
CA LYS A 306 -3.14 -20.57 -27.90
C LYS A 306 -4.08 -19.98 -26.85
N LEU A 307 -3.76 -18.76 -26.42
CA LEU A 307 -4.58 -18.04 -25.45
C LEU A 307 -5.11 -16.77 -26.11
N VAL A 308 -6.38 -16.44 -25.87
CA VAL A 308 -6.96 -15.22 -26.41
C VAL A 308 -7.85 -14.58 -25.36
N VAL A 309 -7.71 -13.27 -25.19
CA VAL A 309 -8.61 -12.45 -24.39
C VAL A 309 -9.15 -11.35 -25.30
N ASN A 310 -10.47 -11.18 -25.32
CA ASN A 310 -11.09 -10.09 -26.06
C ASN A 310 -11.81 -9.16 -25.08
N ASN A 311 -11.55 -7.86 -25.18
CA ASN A 311 -12.27 -6.85 -24.41
C ASN A 311 -12.81 -5.85 -25.41
N PRO A 312 -14.12 -5.86 -25.68
CA PRO A 312 -14.66 -4.93 -26.69
C PRO A 312 -14.43 -3.47 -26.36
N ASP A 313 -14.07 -3.15 -25.13
CA ASP A 313 -13.80 -1.75 -24.83
C ASP A 313 -12.33 -1.38 -24.93
N SER A 314 -11.44 -2.34 -25.20
CA SER A 314 -10.02 -2.04 -25.28
C SER A 314 -9.28 -2.73 -26.42
N GLY A 315 -9.68 -3.92 -26.85
CA GLY A 315 -8.92 -4.62 -27.87
C GLY A 315 -8.79 -6.11 -27.61
N SER A 316 -7.73 -6.72 -28.11
CA SER A 316 -7.53 -8.15 -27.93
C SER A 316 -6.07 -8.44 -27.59
N ALA A 317 -5.86 -9.63 -27.04
CA ALA A 317 -4.54 -10.07 -26.62
C ALA A 317 -4.44 -11.56 -26.89
N GLU A 318 -3.35 -12.00 -27.49
CA GLU A 318 -3.16 -13.41 -27.81
C GLU A 318 -1.74 -13.81 -27.44
N ASP A 319 -1.58 -15.09 -27.12
CA ASP A 319 -0.25 -15.64 -26.89
C ASP A 319 -0.29 -17.11 -27.30
N GLN A 320 0.88 -17.72 -27.39
CA GLN A 320 0.97 -19.11 -27.81
C GLN A 320 2.08 -19.79 -27.05
N LEU A 321 1.82 -21.01 -26.58
CA LEU A 321 2.76 -21.77 -25.78
C LEU A 321 2.96 -23.15 -26.38
N ALA A 322 4.16 -23.69 -26.21
CA ALA A 322 4.31 -25.13 -26.41
C ALA A 322 3.57 -25.88 -25.30
N ALA A 323 3.07 -27.06 -25.63
CA ALA A 323 2.34 -27.85 -24.66
C ALA A 323 2.51 -29.31 -25.04
N THR A 324 2.26 -30.17 -24.08
CA THR A 324 2.08 -31.59 -24.35
C THR A 324 0.58 -31.85 -24.38
N TYR A 325 0.09 -32.29 -25.53
CA TYR A 325 -1.35 -32.50 -25.71
C TYR A 325 -1.51 -33.38 -26.92
N THR A 326 -2.11 -34.55 -26.74
CA THR A 326 -2.26 -35.51 -27.84
C THR A 326 -3.72 -35.90 -28.07
N SER A 327 -4.66 -35.27 -27.36
CA SER A 327 -6.07 -35.61 -27.46
C SER A 327 -6.77 -34.77 -28.54
N GLU A 328 -8.09 -34.97 -28.65
CA GLU A 328 -8.89 -34.20 -29.60
C GLU A 328 -8.79 -32.71 -29.27
N PRO A 329 -8.63 -31.85 -30.28
CA PRO A 329 -8.52 -30.42 -30.02
C PRO A 329 -9.74 -29.89 -29.30
N LEU A 330 -9.51 -28.91 -28.46
CA LEU A 330 -10.52 -28.39 -27.54
C LEU A 330 -10.36 -26.89 -27.43
N GLU A 331 -11.49 -26.16 -27.45
CA GLU A 331 -11.51 -24.74 -27.10
C GLU A 331 -12.30 -24.61 -25.81
N ILE A 332 -11.65 -24.08 -24.78
CA ILE A 332 -12.23 -24.03 -23.44
C ILE A 332 -11.80 -22.72 -22.81
N GLY A 333 -12.70 -22.10 -22.05
CA GLY A 333 -12.47 -20.80 -21.45
C GLY A 333 -12.42 -20.92 -19.94
N PHE A 334 -11.63 -20.06 -19.31
CA PHE A 334 -11.55 -19.98 -17.86
C PHE A 334 -11.44 -18.53 -17.44
N ASN A 335 -11.79 -18.27 -16.19
CA ASN A 335 -11.46 -17.00 -15.56
C ASN A 335 -9.96 -16.92 -15.41
N SER A 336 -9.34 -15.87 -15.97
CA SER A 336 -7.89 -15.79 -15.98
C SER A 336 -7.31 -15.66 -14.57
N ARG A 337 -7.97 -14.89 -13.69
CA ARG A 337 -7.48 -14.77 -12.32
C ARG A 337 -7.52 -16.12 -11.62
N TYR A 338 -8.60 -16.89 -11.85
CA TYR A 338 -8.71 -18.18 -11.20
C TYR A 338 -7.66 -19.15 -11.71
N LEU A 339 -7.32 -19.09 -13.00
CA LEU A 339 -6.20 -19.89 -13.52
C LEU A 339 -4.91 -19.54 -12.83
N LEU A 340 -4.65 -18.23 -12.68
CA LEU A 340 -3.42 -17.79 -12.01
C LEU A 340 -3.42 -18.22 -10.55
N ASP A 341 -4.59 -18.20 -9.91
CA ASP A 341 -4.66 -18.65 -8.52
C ASP A 341 -4.24 -20.11 -8.40
N ILE A 342 -4.78 -20.97 -9.27
CA ILE A 342 -4.45 -22.38 -9.16
C ILE A 342 -3.00 -22.63 -9.56
N ALA A 343 -2.52 -21.96 -10.61
CA ALA A 343 -1.10 -22.09 -10.97
C ALA A 343 -0.21 -21.73 -9.79
N GLY A 344 -0.58 -20.69 -9.04
CA GLY A 344 0.24 -20.27 -7.93
C GLY A 344 0.24 -21.23 -6.76
N GLN A 345 -0.71 -22.17 -6.72
CA GLN A 345 -0.73 -23.20 -5.68
C GLN A 345 0.34 -24.26 -5.89
N LEU A 346 0.89 -24.35 -7.09
CA LEU A 346 1.75 -25.45 -7.47
C LEU A 346 3.22 -25.07 -7.34
N SER A 347 4.07 -26.09 -7.27
CA SER A 347 5.50 -25.88 -7.12
C SER A 347 6.32 -26.55 -8.20
N SER A 348 5.71 -27.32 -9.09
CA SER A 348 6.44 -28.09 -10.08
C SER A 348 6.70 -27.25 -11.33
N ASP A 349 7.69 -27.69 -12.13
CA ASP A 349 7.97 -27.04 -13.41
C ASP A 349 6.78 -27.13 -14.34
N GLU A 350 6.04 -28.25 -14.29
CA GLU A 350 4.93 -28.49 -15.18
C GLU A 350 3.62 -28.33 -14.42
N MET A 351 2.58 -27.97 -15.17
CA MET A 351 1.21 -27.88 -14.67
C MET A 351 0.35 -28.75 -15.56
N VAL A 352 -0.44 -29.64 -14.96
CA VAL A 352 -1.18 -30.66 -15.71
C VAL A 352 -2.68 -30.41 -15.53
N PHE A 353 -3.40 -30.30 -16.64
CA PHE A 353 -4.86 -30.17 -16.61
C PHE A 353 -5.43 -31.47 -17.13
N MET A 354 -6.41 -32.03 -16.44
CA MET A 354 -7.18 -33.17 -16.98
C MET A 354 -8.52 -32.62 -17.40
N LEU A 355 -8.83 -32.72 -18.69
CA LEU A 355 -9.95 -32.00 -19.26
C LEU A 355 -10.94 -32.98 -19.89
N SER A 356 -12.17 -32.49 -20.07
CA SER A 356 -13.17 -33.20 -20.84
CA SER A 356 -13.17 -33.20 -20.84
C SER A 356 -13.61 -32.29 -21.98
N ASP A 357 -14.85 -31.80 -21.94
CA ASP A 357 -15.28 -30.86 -22.98
C ASP A 357 -15.35 -29.44 -22.43
N ALA A 358 -15.89 -28.55 -23.25
CA ALA A 358 -15.73 -27.12 -22.98
C ALA A 358 -16.53 -26.63 -21.77
N VAL A 359 -17.53 -27.39 -21.31
CA VAL A 359 -18.32 -26.96 -20.17
C VAL A 359 -18.18 -27.92 -18.99
N ALA A 360 -17.17 -28.80 -19.01
CA ALA A 360 -16.97 -29.65 -17.86
C ALA A 360 -15.84 -29.12 -17.00
N PRO A 361 -15.92 -29.28 -15.68
CA PRO A 361 -14.82 -28.82 -14.83
C PRO A 361 -13.50 -29.49 -15.18
N ALA A 362 -12.43 -28.72 -15.01
CA ALA A 362 -11.07 -29.20 -15.19
C ALA A 362 -10.52 -29.68 -13.87
N LEU A 363 -9.71 -30.73 -13.91
CA LEU A 363 -9.00 -31.25 -12.74
C LEU A 363 -7.52 -30.93 -12.85
N ILE A 364 -6.98 -30.25 -11.83
CA ILE A 364 -5.55 -29.92 -11.77
C ILE A 364 -4.96 -30.58 -10.53
N ARG A 365 -4.08 -31.55 -10.71
CA ARG A 365 -3.43 -32.21 -9.58
C ARG A 365 -2.07 -31.57 -9.31
N ASP A 366 -1.53 -31.86 -8.14
CA ASP A 366 -0.24 -31.34 -7.73
C ASP A 366 0.77 -32.45 -7.96
N ASN A 367 1.64 -32.28 -8.96
CA ASN A 367 2.63 -33.31 -9.26
C ASN A 367 3.52 -33.62 -8.06
N ASN A 368 3.68 -32.68 -7.13
CA ASN A 368 4.55 -32.86 -5.96
C ASN A 368 3.79 -33.28 -4.70
N ASN A 369 2.46 -33.39 -4.77
CA ASN A 369 1.65 -33.74 -3.60
C ASN A 369 0.41 -34.49 -4.11
N ALA A 370 0.47 -35.83 -4.06
CA ALA A 370 -0.60 -36.65 -4.62
C ALA A 370 -1.93 -36.46 -3.89
N GLU A 371 -1.90 -35.94 -2.68
CA GLU A 371 -3.11 -35.81 -1.86
C GLU A 371 -3.82 -34.47 -2.06
N VAL A 372 -3.36 -33.61 -2.98
CA VAL A 372 -3.98 -32.32 -3.25
C VAL A 372 -4.60 -32.37 -4.63
N LEU A 373 -5.81 -31.81 -4.78
CA LEU A 373 -6.34 -31.57 -6.12
C LEU A 373 -7.15 -30.29 -6.15
N TYR A 374 -7.23 -29.72 -7.34
CA TYR A 374 -7.95 -28.49 -7.60
C TYR A 374 -8.91 -28.72 -8.75
N VAL A 375 -10.07 -28.10 -8.66
CA VAL A 375 -11.07 -28.17 -9.72
C VAL A 375 -11.44 -26.75 -10.12
N LEU A 376 -11.55 -26.51 -11.43
CA LEU A 376 -11.91 -25.19 -11.92
C LEU A 376 -12.99 -25.32 -12.97
N MET A 377 -14.12 -24.67 -12.75
CA MET A 377 -15.18 -24.66 -13.75
C MET A 377 -14.79 -23.75 -14.92
N PRO A 378 -15.06 -24.16 -16.15
CA PRO A 378 -14.82 -23.25 -17.28
C PRO A 378 -15.88 -22.17 -17.36
N VAL A 379 -15.65 -21.20 -18.26
CA VAL A 379 -16.62 -20.18 -18.63
C VAL A 379 -16.81 -20.23 -20.13
N ARG A 380 -17.98 -19.77 -20.59
CA ARG A 380 -18.29 -19.88 -22.00
C ARG A 380 -17.47 -18.87 -22.80
N VAL A 381 -16.90 -19.33 -23.92
CA VAL A 381 -16.12 -18.48 -24.80
C VAL A 381 -16.45 -18.85 -26.24
C ACE B 1 -20.73 -17.87 -18.48
O ACE B 1 -19.63 -18.27 -18.74
CH3 ACE B 1 -21.68 -17.41 -19.56
N MVA B 2 -21.16 -17.81 -17.12
CN MVA B 2 -22.50 -17.33 -16.77
CA MVA B 2 -20.35 -18.24 -15.99
CB MVA B 2 -19.90 -17.06 -15.11
CG1 MVA B 2 -18.97 -17.54 -14.01
CG2 MVA B 2 -19.21 -15.98 -15.95
C MVA B 2 -21.09 -19.28 -15.17
O MVA B 2 -21.77 -18.99 -14.20
C MP8 B 3 -20.99 -21.88 -13.62
N MP8 B 3 -20.98 -20.51 -15.62
O MP8 B 3 -19.83 -21.59 -13.43
CA MP8 B 3 -21.65 -21.64 -14.96
CB MP8 B 3 -21.54 -22.84 -15.92
CD MP8 B 3 -20.11 -21.07 -16.71
CE MP8 B 3 -20.11 -23.27 -17.98
CG MP8 B 3 -20.15 -22.59 -16.62
N NZC B 4 -21.72 -22.44 -12.65
O NZC B 4 -21.13 -25.08 -12.34
OG1 NZC B 4 -22.89 -23.52 -10.02
C NZC B 4 -20.66 -24.31 -11.51
CA NZC B 4 -21.03 -22.84 -11.44
CB NZC B 4 -21.82 -22.56 -10.14
CG2 NZC B 4 -22.35 -21.15 -10.07
C40 NZC B 4 -23.11 -22.88 -12.90
N LEU B 5 -19.72 -24.71 -10.66
CA LEU B 5 -19.47 -26.13 -10.42
C LEU B 5 -20.80 -26.80 -10.10
C MP8 B 6 -22.48 -29.13 -8.90
N MP8 B 6 -20.96 -28.05 -10.51
O MP8 B 6 -22.77 -30.27 -8.58
CA MP8 B 6 -22.26 -28.72 -10.35
CB MP8 B 6 -22.25 -29.90 -11.33
CD MP8 B 6 -20.12 -28.87 -11.43
CE MP8 B 6 -20.44 -31.08 -12.61
CG MP8 B 6 -20.75 -30.25 -11.38
N LEU B 7 -22.36 -28.16 -8.01
CA LEU B 7 -22.56 -28.39 -6.58
C LEU B 7 -24.03 -28.62 -6.29
N MVA B 8 -24.35 -29.62 -5.47
CN MVA B 8 -23.37 -30.61 -4.99
CA MVA B 8 -25.72 -29.81 -5.01
CB MVA B 8 -26.27 -31.21 -5.36
CG1 MVA B 8 -26.20 -31.48 -6.86
CG2 MVA B 8 -27.71 -31.35 -4.87
C MVA B 8 -25.81 -29.55 -3.52
O MVA B 8 -25.26 -30.26 -2.70
N PRO B 9 -26.50 -28.47 -3.15
CA PRO B 9 -27.25 -27.56 -4.03
C PRO B 9 -26.40 -26.36 -4.46
N MLU B 10 -26.88 -25.54 -5.39
CN MLU B 10 -28.04 -25.77 -6.25
CA MLU B 10 -26.27 -24.21 -5.60
C MLU B 10 -25.60 -24.03 -6.94
O MLU B 10 -25.62 -22.97 -7.49
CB MLU B 10 -27.29 -23.08 -5.40
CG MLU B 10 -27.94 -23.02 -4.02
CD1 MLU B 10 -28.81 -21.78 -3.90
CD2 MLU B 10 -26.88 -23.06 -2.93
N GLY B 11 -25.02 -25.10 -7.46
CA GLY B 11 -24.35 -25.05 -8.74
C GLY B 11 -23.21 -24.03 -8.79
N HIS C 7 0.33 7.82 -43.41
CA HIS C 7 1.44 7.03 -42.87
C HIS C 7 0.94 6.09 -41.77
N HIS C 8 1.56 4.91 -41.68
CA HIS C 8 1.15 3.89 -40.73
C HIS C 8 2.39 3.37 -40.02
N MET C 9 2.56 3.79 -38.78
CA MET C 9 3.77 3.55 -38.01
C MET C 9 4.15 2.09 -37.94
N ARG C 10 5.45 1.83 -37.99
CA ARG C 10 6.00 0.53 -37.63
C ARG C 10 7.37 0.75 -36.99
N ILE C 11 7.51 0.41 -35.71
CA ILE C 11 8.78 0.60 -35.01
C ILE C 11 9.08 -0.62 -34.18
N THR C 12 10.36 -0.95 -34.06
CA THR C 12 10.83 -1.99 -33.16
C THR C 12 11.67 -1.32 -32.09
N VAL C 13 11.28 -1.48 -30.82
CA VAL C 13 11.96 -0.76 -29.74
C VAL C 13 12.44 -1.76 -28.70
N ASP C 14 13.46 -1.33 -27.94
CA ASP C 14 13.91 -2.11 -26.80
C ASP C 14 12.87 -1.98 -25.70
N ARG C 15 12.47 -3.11 -25.11
CA ARG C 15 11.43 -3.06 -24.08
C ARG C 15 11.84 -2.16 -22.92
N SER C 16 13.07 -2.34 -22.41
CA SER C 16 13.47 -1.62 -21.22
C SER C 16 13.57 -0.13 -21.46
N GLN C 17 14.12 0.26 -22.61
CA GLN C 17 14.15 1.68 -22.98
C GLN C 17 12.75 2.25 -23.10
N PHE C 18 11.86 1.54 -23.81
CA PHE C 18 10.49 2.02 -24.00
C PHE C 18 9.76 2.14 -22.67
N PHE C 19 9.95 1.17 -21.79
CA PHE C 19 9.30 1.17 -20.48
C PHE C 19 9.75 2.37 -19.65
N LYS C 20 11.06 2.64 -19.65
CA LYS C 20 11.58 3.78 -18.92
C LYS C 20 11.00 5.09 -19.43
N SER C 21 10.96 5.26 -20.76
CA SER C 21 10.44 6.50 -21.32
C SER C 21 8.95 6.64 -21.07
N LEU C 22 8.20 5.55 -21.30
CA LEU C 22 6.77 5.56 -21.01
C LEU C 22 6.50 5.87 -19.54
N GLY C 23 7.33 5.35 -18.65
CA GLY C 23 7.14 5.63 -17.24
C GLY C 23 7.25 7.11 -16.94
N ARG C 24 8.08 7.83 -17.70
CA ARG C 24 8.26 9.25 -17.47
C ARG C 24 7.06 10.08 -17.93
N VAL C 25 6.27 9.58 -18.89
CA VAL C 25 5.23 10.45 -19.46
C VAL C 25 3.85 10.06 -18.95
N HIS C 26 3.64 8.77 -18.71
CA HIS C 26 2.27 8.28 -18.50
C HIS C 26 1.65 8.83 -17.22
N ARG C 27 2.45 9.14 -16.19
CA ARG C 27 1.85 9.55 -14.93
C ARG C 27 1.20 10.92 -14.99
N VAL C 28 1.38 11.66 -16.09
CA VAL C 28 0.72 12.96 -16.25
C VAL C 28 -0.76 12.76 -16.51
N VAL C 29 -1.12 11.62 -17.09
CA VAL C 29 -2.51 11.30 -17.35
C VAL C 29 -3.26 11.16 -16.05
N GLU C 30 -4.41 11.81 -15.94
CA GLU C 30 -5.25 11.65 -14.77
C GLU C 30 -6.10 10.40 -14.92
N ARG C 31 -6.14 9.58 -13.85
CA ARG C 31 -6.99 8.39 -13.90
C ARG C 31 -8.46 8.76 -13.82
N ARG C 32 -8.79 9.79 -13.05
CA ARG C 32 -10.18 10.27 -12.98
C ARG C 32 -10.63 10.98 -14.24
N ASN C 33 -9.76 11.12 -15.24
CA ASN C 33 -10.11 11.87 -16.46
C ASN C 33 -11.18 11.13 -17.27
N THR C 34 -12.07 11.91 -17.90
CA THR C 34 -13.19 11.38 -18.65
C THR C 34 -13.17 11.72 -20.14
N VAL C 35 -12.27 12.58 -20.61
CA VAL C 35 -12.18 12.94 -22.03
C VAL C 35 -11.26 11.92 -22.71
N PRO C 36 -11.77 11.10 -23.63
CA PRO C 36 -11.02 9.90 -24.05
C PRO C 36 -9.61 10.16 -24.55
N ILE C 37 -9.40 11.18 -25.41
CA ILE C 37 -8.06 11.41 -25.94
C ILE C 37 -7.06 11.72 -24.82
N LEU C 38 -7.52 12.34 -23.73
CA LEU C 38 -6.59 12.73 -22.68
C LEU C 38 -6.11 11.56 -21.82
N SER C 39 -6.70 10.39 -21.99
CA SER C 39 -6.20 9.18 -21.35
C SER C 39 -5.10 8.51 -22.15
N ASN C 40 -4.76 9.03 -23.31
CA ASN C 40 -3.83 8.38 -24.22
C ASN C 40 -2.47 9.04 -24.20
N VAL C 41 -1.43 8.25 -24.54
CA VAL C 41 -0.11 8.79 -24.83
C VAL C 41 0.04 8.84 -26.34
N LEU C 42 0.56 9.95 -26.83
CA LEU C 42 0.89 10.09 -28.24
C LEU C 42 2.25 9.47 -28.50
N ILE C 43 2.33 8.60 -29.51
CA ILE C 43 3.59 8.01 -29.96
C ILE C 43 3.85 8.56 -31.34
N ASP C 44 5.00 9.22 -31.53
CA ASP C 44 5.28 9.88 -32.80
C ASP C 44 6.67 9.44 -33.24
N ALA C 45 6.75 8.70 -34.35
CA ALA C 45 7.99 8.11 -34.84
C ALA C 45 8.38 8.76 -36.15
N GLU C 46 9.51 9.46 -36.17
CA GLU C 46 9.95 10.11 -37.40
C GLU C 46 11.44 10.38 -37.25
N ASN C 47 12.18 10.30 -38.37
CA ASN C 47 13.56 10.78 -38.45
C ASN C 47 14.45 10.20 -37.35
N GLY C 48 14.39 8.87 -37.20
CA GLY C 48 15.22 8.17 -36.24
C GLY C 48 14.90 8.44 -34.78
N SER C 49 13.70 8.96 -34.48
CA SER C 49 13.37 9.27 -33.10
C SER C 49 11.92 8.95 -32.82
N VAL C 50 11.65 8.44 -31.62
CA VAL C 50 10.30 8.24 -31.14
C VAL C 50 10.08 9.22 -30.01
N GLN C 51 8.99 9.99 -30.11
CA GLN C 51 8.61 10.91 -29.05
C GLN C 51 7.32 10.41 -28.42
N LEU C 52 7.30 10.38 -27.09
CA LEU C 52 6.10 10.11 -26.31
C LEU C 52 5.61 11.43 -25.73
N LYS C 53 4.30 11.69 -25.81
CA LYS C 53 3.75 12.93 -25.27
C LYS C 53 2.49 12.60 -24.48
N ALA C 54 2.34 13.20 -23.30
CA ALA C 54 1.10 13.10 -22.55
C ALA C 54 0.75 14.48 -22.02
N THR C 55 -0.54 14.73 -21.76
CA THR C 55 -0.95 16.06 -21.31
C THR C 55 -2.25 15.92 -20.52
N ASP C 56 -2.45 16.83 -19.58
CA ASP C 56 -3.78 17.01 -19.02
C ASP C 56 -4.37 18.38 -19.36
N LEU C 57 -3.79 19.05 -20.36
CA LEU C 57 -4.12 20.39 -20.85
C LEU C 57 -3.49 21.50 -20.01
N ASP C 58 -3.12 21.22 -18.77
CA ASP C 58 -2.38 22.18 -17.96
C ASP C 58 -0.88 21.93 -17.96
N LEU C 59 -0.51 20.66 -17.99
CA LEU C 59 0.86 20.20 -17.98
C LEU C 59 1.05 19.24 -19.14
N GLU C 60 2.14 19.40 -19.87
CA GLU C 60 2.50 18.49 -20.96
C GLU C 60 3.90 17.98 -20.73
N VAL C 61 4.14 16.70 -20.99
CA VAL C 61 5.46 16.10 -20.86
CA VAL C 61 5.47 16.11 -20.87
C VAL C 61 5.78 15.36 -22.15
N THR C 62 7.00 15.49 -22.64
CA THR C 62 7.46 14.71 -23.76
C THR C 62 8.79 14.07 -23.40
N GLU C 63 9.01 12.87 -23.91
CA GLU C 63 10.33 12.28 -23.86
C GLU C 63 10.59 11.62 -25.19
N SER C 64 11.84 11.68 -25.64
CA SER C 64 12.19 11.16 -26.93
C SER C 64 13.38 10.24 -26.80
N PHE C 65 13.46 9.24 -27.69
CA PHE C 65 14.65 8.41 -27.75
C PHE C 65 14.92 7.99 -29.18
N THR C 66 16.18 7.65 -29.43
CA THR C 66 16.67 7.30 -30.76
C THR C 66 16.30 5.86 -31.10
N VAL C 67 15.67 5.67 -32.25
CA VAL C 67 15.26 4.35 -32.76
C VAL C 67 15.41 4.37 -34.26
N ASN C 68 15.95 3.29 -34.82
CA ASN C 68 15.79 3.09 -36.26
C ASN C 68 14.31 2.83 -36.55
N ILE C 69 13.72 3.65 -37.41
CA ILE C 69 12.28 3.59 -37.67
CA ILE C 69 12.27 3.62 -37.68
C ILE C 69 12.04 2.87 -38.98
N GLU C 70 11.25 1.80 -38.92
CA GLU C 70 10.93 1.06 -40.15
C GLU C 70 9.94 1.82 -41.01
N LYS C 71 8.84 2.28 -40.43
CA LYS C 71 7.90 3.16 -41.14
C LYS C 71 7.49 4.28 -40.21
N ALA C 72 7.67 5.53 -40.66
CA ALA C 72 7.31 6.67 -39.83
C ALA C 72 5.80 6.73 -39.66
N GLY C 73 5.39 7.34 -38.56
CA GLY C 73 3.98 7.54 -38.31
C GLY C 73 3.73 7.84 -36.85
N ALA C 74 2.44 8.00 -36.53
CA ALA C 74 2.08 8.32 -35.16
C ALA C 74 0.72 7.73 -34.84
N ILE C 75 0.46 7.61 -33.53
CA ILE C 75 -0.80 7.05 -33.05
C ILE C 75 -0.88 7.39 -31.57
N THR C 76 -2.09 7.42 -31.01
CA THR C 76 -2.22 7.59 -29.56
C THR C 76 -2.87 6.34 -28.99
N VAL C 77 -2.45 5.97 -27.78
CA VAL C 77 -2.72 4.67 -27.17
C VAL C 77 -3.09 4.92 -25.72
N PRO C 78 -4.09 4.25 -25.14
CA PRO C 78 -4.38 4.45 -23.71
C PRO C 78 -3.16 4.22 -22.85
N ALA C 79 -2.81 5.22 -22.02
CA ALA C 79 -1.45 5.26 -21.48
C ALA C 79 -1.26 4.28 -20.32
N TYR C 80 -2.23 4.17 -19.41
CA TYR C 80 -2.04 3.25 -18.29
C TYR C 80 -2.08 1.80 -18.77
N LEU C 81 -2.95 1.50 -19.74
CA LEU C 81 -2.99 0.16 -20.33
C LEU C 81 -1.67 -0.17 -21.02
N LEU C 82 -1.16 0.75 -21.84
CA LEU C 82 0.12 0.48 -22.50
C LEU C 82 1.21 0.26 -21.48
N TYR C 83 1.26 1.10 -20.43
CA TYR C 83 2.28 0.93 -19.39
C TYR C 83 2.15 -0.44 -18.72
N ASP C 84 0.92 -0.84 -18.35
CA ASP C 84 0.75 -2.12 -17.68
C ASP C 84 1.16 -3.28 -18.59
N ILE C 85 0.92 -3.16 -19.90
CA ILE C 85 1.33 -4.21 -20.82
C ILE C 85 2.85 -4.30 -20.87
N VAL C 86 3.51 -3.16 -21.12
CA VAL C 86 4.97 -3.16 -21.25
C VAL C 86 5.64 -3.62 -19.94
N ARG C 87 5.06 -3.26 -18.80
CA ARG C 87 5.60 -3.73 -17.52
C ARG C 87 5.73 -5.25 -17.47
N LYS C 88 4.82 -5.98 -18.12
CA LYS C 88 4.82 -7.42 -18.06
C LYS C 88 5.63 -8.09 -19.18
N LEU C 89 6.15 -7.32 -20.11
CA LEU C 89 6.97 -7.92 -21.14
C LEU C 89 8.43 -8.02 -20.66
N PRO C 90 9.16 -9.03 -21.12
CA PRO C 90 10.44 -9.36 -20.47
C PRO C 90 11.54 -8.37 -20.77
N ASP C 91 12.29 -8.01 -19.72
CA ASP C 91 13.49 -7.21 -19.87
C ASP C 91 14.43 -7.86 -20.90
N GLY C 92 15.03 -7.03 -21.74
CA GLY C 92 15.90 -7.53 -22.78
C GLY C 92 15.19 -8.06 -24.01
N SER C 93 13.88 -7.99 -24.07
CA SER C 93 13.13 -8.34 -25.27
C SER C 93 12.95 -7.12 -26.15
N GLU C 94 12.44 -7.35 -27.36
CA GLU C 94 12.07 -6.28 -28.28
C GLU C 94 10.56 -6.26 -28.47
N ILE C 95 10.05 -5.09 -28.83
CA ILE C 95 8.62 -4.89 -29.02
C ILE C 95 8.41 -4.25 -30.37
N VAL C 96 7.53 -4.81 -31.18
CA VAL C 96 7.14 -4.20 -32.46
C VAL C 96 5.80 -3.52 -32.29
N LEU C 97 5.76 -2.21 -32.52
CA LEU C 97 4.54 -1.42 -32.45
C LEU C 97 4.17 -1.00 -33.86
N SER C 98 2.95 -1.34 -34.30
CA SER C 98 2.63 -1.07 -35.70
C SER C 98 1.15 -0.76 -35.87
N VAL C 99 0.87 0.09 -36.85
CA VAL C 99 -0.51 0.49 -37.16
C VAL C 99 -0.85 -0.06 -38.54
N ASP C 100 -2.04 -0.64 -38.67
CA ASP C 100 -2.49 -1.19 -39.94
C ASP C 100 -3.61 -0.36 -40.54
N GLU C 101 -3.91 -0.63 -41.81
CA GLU C 101 -5.00 0.05 -42.51
C GLU C 101 -6.22 -0.87 -42.63
N SER C 105 -8.66 2.86 -36.22
CA SER C 105 -7.46 3.32 -35.51
C SER C 105 -7.08 2.30 -34.42
N ALA C 106 -6.11 1.45 -34.75
CA ALA C 106 -5.71 0.36 -33.86
C ALA C 106 -4.21 0.15 -33.99
N MET C 107 -3.58 -0.28 -32.90
CA MET C 107 -2.16 -0.50 -32.86
C MET C 107 -1.88 -1.94 -32.43
N SER C 108 -0.98 -2.58 -33.15
CA SER C 108 -0.49 -3.90 -32.80
C SER C 108 0.75 -3.79 -31.94
N ILE C 109 0.84 -4.63 -30.91
CA ILE C 109 2.01 -4.76 -30.07
C ILE C 109 2.42 -6.21 -30.12
N VAL C 110 3.63 -6.50 -30.61
CA VAL C 110 4.11 -7.88 -30.70
C VAL C 110 5.40 -8.01 -29.91
N SER C 111 5.45 -8.98 -29.01
CA SER C 111 6.67 -9.29 -28.28
C SER C 111 6.74 -10.80 -28.17
N GLY C 112 7.64 -11.41 -28.93
CA GLY C 112 7.70 -12.87 -28.94
C GLY C 112 6.44 -13.39 -29.58
N CYS C 113 5.80 -14.36 -28.91
CA CYS C 113 4.50 -14.84 -29.33
C CYS C 113 3.35 -14.02 -28.78
N THR C 114 3.63 -13.01 -27.95
CA THR C 114 2.54 -12.21 -27.38
C THR C 114 2.12 -11.13 -28.37
N HIS C 115 0.82 -11.00 -28.60
CA HIS C 115 0.33 -10.03 -29.59
C HIS C 115 -0.91 -9.35 -29.06
N PHE C 116 -0.84 -8.02 -28.90
CA PHE C 116 -1.98 -7.19 -28.51
C PHE C 116 -2.46 -6.40 -29.72
N GLN C 117 -3.77 -6.20 -29.83
CA GLN C 117 -4.35 -5.25 -30.77
C GLN C 117 -5.13 -4.26 -29.93
N LEU C 118 -4.70 -3.01 -29.89
CA LEU C 118 -5.30 -2.02 -28.98
C LEU C 118 -6.09 -0.99 -29.76
N GLN C 119 -7.30 -0.71 -29.29
CA GLN C 119 -8.09 0.39 -29.81
C GLN C 119 -7.42 1.72 -29.48
N CYS C 120 -7.22 2.54 -30.50
CA CYS C 120 -6.44 3.76 -30.41
C CYS C 120 -7.23 4.95 -30.94
N LEU C 121 -6.60 6.11 -30.89
CA LEU C 121 -7.15 7.33 -31.47
C LEU C 121 -6.04 8.02 -32.25
N PRO C 122 -6.37 8.66 -33.37
CA PRO C 122 -5.32 9.21 -34.24
C PRO C 122 -4.66 10.43 -33.63
N LYS C 123 -3.41 10.67 -34.08
CA LYS C 123 -2.65 11.83 -33.63
C LYS C 123 -3.41 13.14 -33.81
N ILE C 124 -4.19 13.26 -34.89
CA ILE C 124 -4.86 14.54 -35.15
C ILE C 124 -5.83 14.92 -34.03
N ASP C 125 -6.33 13.94 -33.28
CA ASP C 125 -7.21 14.24 -32.16
C ASP C 125 -6.44 14.77 -30.95
N PHE C 126 -5.13 14.52 -30.89
CA PHE C 126 -4.35 14.81 -29.69
C PHE C 126 -4.07 16.30 -29.57
N PRO C 127 -4.09 16.86 -28.36
CA PRO C 127 -3.79 18.29 -28.20
C PRO C 127 -2.36 18.58 -28.64
N GLU C 128 -2.22 19.61 -29.45
CA GLU C 128 -0.92 20.14 -29.79
C GLU C 128 -0.97 21.64 -29.60
N SER C 129 0.05 22.20 -28.98
CA SER C 129 0.15 23.63 -28.76
C SER C 129 0.93 24.31 -29.87
N LEU C 130 0.77 25.62 -29.98
CA LEU C 130 1.70 26.42 -30.75
C LEU C 130 3.08 26.38 -30.11
N PRO C 131 4.12 26.74 -30.86
CA PRO C 131 5.46 26.82 -30.25
C PRO C 131 5.46 27.77 -29.05
N GLY C 132 6.14 27.35 -27.99
CA GLY C 132 6.25 28.22 -26.83
C GLY C 132 6.96 29.52 -27.20
N GLN C 133 6.45 30.62 -26.66
CA GLN C 133 7.11 31.92 -26.77
C GLN C 133 7.49 32.38 -25.36
N PHE C 134 8.78 32.40 -25.05
CA PHE C 134 9.25 32.68 -23.70
C PHE C 134 10.16 33.90 -23.69
N GLY C 135 9.89 34.82 -22.76
CA GLY C 135 10.71 36.01 -22.64
C GLY C 135 11.95 35.86 -21.80
N CYS C 136 12.07 34.75 -21.07
CA CYS C 136 13.16 34.52 -20.14
C CYS C 136 13.67 33.10 -20.34
N ARG C 137 14.98 32.95 -20.40
CA ARG C 137 15.60 31.64 -20.63
C ARG C 137 16.92 31.60 -19.87
N PHE C 138 17.10 30.59 -19.03
CA PHE C 138 18.33 30.47 -18.26
C PHE C 138 18.52 29.00 -17.91
N PHE C 139 19.65 28.68 -17.28
CA PHE C 139 19.99 27.31 -16.95
C PHE C 139 20.30 27.18 -15.46
N LEU C 140 19.90 26.06 -14.87
CA LEU C 140 20.31 25.64 -13.53
C LEU C 140 20.75 24.19 -13.61
N SER C 141 21.70 23.79 -12.77
CA SER C 141 21.97 22.37 -12.71
C SER C 141 20.76 21.64 -12.18
N ALA C 142 20.56 20.41 -12.67
CA ALA C 142 19.45 19.62 -12.17
C ALA C 142 19.55 19.43 -10.66
N SER C 143 20.77 19.20 -10.16
CA SER C 143 20.93 18.96 -8.73
C SER C 143 20.55 20.21 -7.93
N LYS C 144 20.92 21.39 -8.41
CA LYS C 144 20.49 22.62 -7.74
C LYS C 144 18.98 22.78 -7.78
N LEU C 145 18.36 22.57 -8.95
CA LEU C 145 16.90 22.67 -9.03
C LEU C 145 16.23 21.68 -8.09
N LYS C 146 16.76 20.47 -8.00
CA LYS C 146 16.20 19.51 -7.06
C LYS C 146 16.28 20.02 -5.64
N HIS C 147 17.41 20.62 -5.28
CA HIS C 147 17.57 21.18 -3.93
C HIS C 147 16.51 22.23 -3.66
N LEU C 148 16.31 23.15 -4.61
CA LEU C 148 15.31 24.21 -4.40
C LEU C 148 13.92 23.62 -4.20
N LEU C 149 13.55 22.63 -5.03
CA LEU C 149 12.23 22.03 -4.92
C LEU C 149 12.12 21.18 -3.65
N ASP C 150 13.20 20.47 -3.29
CA ASP C 150 13.20 19.69 -2.05
C ASP C 150 12.98 20.57 -0.83
N CYS C 151 13.49 21.80 -0.84
CA CYS C 151 13.28 22.68 0.31
C CYS C 151 11.84 23.17 0.44
N THR C 152 11.04 23.15 -0.63
CA THR C 152 9.78 23.88 -0.67
C THR C 152 8.56 23.06 -0.99
N GLN C 153 8.69 21.93 -1.69
CA GLN C 153 7.51 21.20 -2.14
C GLN C 153 6.58 20.80 -1.00
N PHE C 154 7.13 20.35 0.12
CA PHE C 154 6.28 19.83 1.19
C PHE C 154 5.32 20.88 1.73
N ALA C 155 5.65 22.17 1.60
CA ALA C 155 4.81 23.19 2.24
C ALA C 155 3.69 23.68 1.33
N ILE C 156 3.62 23.19 0.09
CA ILE C 156 2.61 23.66 -0.85
C ILE C 156 1.22 23.31 -0.36
N SER C 157 0.30 24.27 -0.50
CA SER C 157 -1.10 24.02 -0.18
C SER C 157 -1.71 23.03 -1.15
N THR C 158 -2.58 22.16 -0.62
CA THR C 158 -3.46 21.34 -1.43
C THR C 158 -4.93 21.73 -1.26
N GLU C 159 -5.22 22.86 -0.60
CA GLU C 159 -6.61 23.27 -0.36
C GLU C 159 -7.20 23.91 -1.61
N GLU C 160 -8.36 23.39 -2.04
CA GLU C 160 -8.99 23.91 -3.24
C GLU C 160 -9.42 25.37 -3.09
N THR C 161 -9.63 25.84 -1.86
CA THR C 161 -10.08 27.21 -1.63
C THR C 161 -8.93 28.22 -1.60
N ARG C 162 -7.71 27.77 -1.87
CA ARG C 162 -6.52 28.63 -1.83
C ARG C 162 -5.69 28.37 -3.08
N TYR C 163 -6.28 28.60 -4.26
CA TYR C 163 -5.68 28.06 -5.48
C TYR C 163 -4.32 28.69 -5.78
N TYR C 164 -4.10 29.97 -5.45
CA TYR C 164 -2.79 30.51 -5.78
C TYR C 164 -1.76 30.24 -4.71
N LEU C 165 -2.13 29.51 -3.65
CA LEU C 165 -1.15 28.87 -2.78
C LEU C 165 -0.82 27.45 -3.22
N ASN C 166 -1.49 26.93 -4.26
CA ASN C 166 -1.28 25.56 -4.70
C ASN C 166 -0.12 25.50 -5.70
N GLY C 167 1.01 26.04 -5.30
CA GLY C 167 2.19 26.02 -6.17
C GLY C 167 3.32 26.71 -5.45
N ILE C 168 4.41 26.94 -6.17
CA ILE C 168 5.61 27.55 -5.60
C ILE C 168 5.82 28.90 -6.27
N TYR C 169 6.08 29.92 -5.46
CA TYR C 169 6.31 31.26 -6.01
C TYR C 169 7.79 31.37 -6.35
N PHE C 170 8.09 31.46 -7.65
CA PHE C 170 9.42 31.37 -8.25
C PHE C 170 9.75 32.79 -8.70
N HIS C 171 10.71 33.46 -8.04
CA HIS C 171 10.87 34.90 -8.25
C HIS C 171 12.29 35.34 -7.92
N ILE C 172 12.61 36.57 -8.36
CA ILE C 172 13.91 37.19 -8.15
C ILE C 172 13.82 38.16 -6.98
N VAL C 173 14.89 38.21 -6.19
CA VAL C 173 15.00 39.12 -5.05
C VAL C 173 16.19 40.01 -5.34
N HIS C 174 15.93 41.30 -5.54
CA HIS C 174 16.97 42.23 -5.98
C HIS C 174 17.81 42.71 -4.80
N ASP C 175 18.46 41.76 -4.12
CA ASP C 175 19.45 42.08 -3.10
C ASP C 175 20.70 42.67 -3.78
N ASP C 176 21.76 42.87 -2.99
CA ASP C 176 23.03 43.31 -3.54
C ASP C 176 23.44 42.40 -4.70
N VAL C 177 23.51 41.11 -4.43
CA VAL C 177 23.57 40.09 -5.48
C VAL C 177 22.15 39.60 -5.71
N LEU C 178 21.73 39.57 -6.98
CA LEU C 178 20.43 38.99 -7.31
C LEU C 178 20.31 37.59 -6.74
N LYS C 179 19.16 37.31 -6.14
CA LYS C 179 18.81 35.98 -5.67
C LYS C 179 17.67 35.44 -6.50
N LEU C 180 17.70 34.13 -6.76
CA LEU C 180 16.53 33.40 -7.22
C LEU C 180 15.94 32.70 -6.01
N ARG C 181 14.64 32.92 -5.76
CA ARG C 181 14.01 32.45 -4.55
C ARG C 181 12.77 31.64 -4.89
N LEU C 182 12.54 30.59 -4.12
CA LEU C 182 11.30 29.83 -4.17
C LEU C 182 10.67 29.88 -2.80
N VAL C 183 9.37 30.17 -2.75
CA VAL C 183 8.57 30.18 -1.52
C VAL C 183 7.34 29.32 -1.73
N ALA C 184 7.01 28.52 -0.71
CA ALA C 184 5.74 27.81 -0.70
C ALA C 184 5.12 27.93 0.68
N THR C 185 3.81 27.98 0.72
CA THR C 185 3.13 28.02 2.00
C THR C 185 1.73 27.46 1.83
N ASP C 186 1.20 26.96 2.94
CA ASP C 186 -0.19 26.54 3.02
C ASP C 186 -0.97 27.36 4.05
N GLY C 187 -0.40 28.47 4.52
CA GLY C 187 -1.00 29.30 5.54
C GLY C 187 -0.63 28.91 6.95
N HIS C 188 0.07 27.79 7.13
CA HIS C 188 0.49 27.34 8.45
C HIS C 188 1.99 27.11 8.48
N ARG C 189 2.50 26.43 7.45
CA ARG C 189 3.93 26.22 7.21
CA ARG C 189 3.93 26.25 7.23
C ARG C 189 4.36 27.15 6.08
N LEU C 190 5.59 27.64 6.14
CA LEU C 190 6.13 28.35 4.99
C LEU C 190 7.57 27.93 4.81
N ALA C 191 7.99 27.76 3.55
CA ALA C 191 9.37 27.42 3.25
C ALA C 191 9.92 28.46 2.28
N GLN C 192 11.15 28.91 2.53
CA GLN C 192 11.83 29.88 1.68
C GLN C 192 13.24 29.40 1.42
N VAL C 193 13.62 29.32 0.15
CA VAL C 193 15.00 28.97 -0.22
C VAL C 193 15.51 29.96 -1.25
N ASP C 194 16.76 30.39 -1.08
CA ASP C 194 17.46 31.33 -1.95
C ASP C 194 18.68 30.67 -2.58
N MET C 195 19.02 31.13 -3.78
CA MET C 195 20.36 30.93 -4.32
C MET C 195 20.77 32.18 -5.08
N GLU C 196 22.09 32.32 -5.28
CA GLU C 196 22.59 33.35 -6.18
C GLU C 196 21.99 33.11 -7.55
N ALA C 197 21.42 34.15 -8.13
CA ALA C 197 20.67 33.99 -9.37
C ALA C 197 21.62 33.70 -10.53
N PRO C 198 21.31 32.72 -11.37
CA PRO C 198 22.14 32.49 -12.57
C PRO C 198 22.00 33.66 -13.53
N SER C 199 22.85 33.66 -14.55
CA SER C 199 22.74 34.70 -15.56
C SER C 199 21.45 34.51 -16.37
N GLY C 200 20.90 35.61 -16.85
CA GLY C 200 19.73 35.57 -17.71
C GLY C 200 18.39 35.76 -17.02
N VAL C 201 18.37 36.02 -15.71
CA VAL C 201 17.12 36.16 -14.95
C VAL C 201 16.85 37.60 -14.56
N ASP C 202 17.64 38.55 -15.04
CA ASP C 202 17.26 39.94 -14.84
C ASP C 202 15.93 40.18 -15.55
N GLY C 203 15.00 40.81 -14.85
CA GLY C 203 13.67 41.06 -15.40
C GLY C 203 12.72 39.89 -15.35
N MET C 204 13.14 38.73 -14.84
CA MET C 204 12.26 37.58 -14.77
C MET C 204 11.03 37.91 -13.95
N PRO C 205 9.82 37.62 -14.45
CA PRO C 205 8.62 37.85 -13.64
C PRO C 205 8.54 36.84 -12.51
N GLY C 206 7.88 37.25 -11.42
CA GLY C 206 7.56 36.32 -10.35
C GLY C 206 6.36 35.49 -10.78
N VAL C 207 6.50 34.17 -10.74
CA VAL C 207 5.45 33.26 -11.22
C VAL C 207 5.18 32.17 -10.20
N ILE C 208 4.00 31.58 -10.32
CA ILE C 208 3.55 30.52 -9.41
C ILE C 208 3.53 29.23 -10.22
N ILE C 209 4.45 28.32 -9.92
CA ILE C 209 4.50 27.04 -10.61
C ILE C 209 3.48 26.09 -9.98
N PRO C 210 2.54 25.53 -10.73
CA PRO C 210 1.50 24.68 -10.10
C PRO C 210 2.06 23.44 -9.41
N ARG C 211 1.37 23.07 -8.33
CA ARG C 211 1.70 21.89 -7.54
C ARG C 211 1.92 20.63 -8.38
N LYS C 212 1.07 20.39 -9.40
CA LYS C 212 1.24 19.16 -10.18
C LYS C 212 2.54 19.17 -10.97
N ALA C 213 2.87 20.29 -11.61
CA ALA C 213 4.14 20.40 -12.33
C ALA C 213 5.31 20.18 -11.38
N VAL C 214 5.25 20.80 -10.20
CA VAL C 214 6.31 20.59 -9.21
C VAL C 214 6.45 19.11 -8.90
N GLY C 215 5.33 18.42 -8.71
CA GLY C 215 5.38 17.03 -8.32
C GLY C 215 5.95 16.13 -9.40
N GLU C 216 5.58 16.38 -10.64
CA GLU C 216 6.12 15.56 -11.73
C GLU C 216 7.60 15.85 -11.97
N LEU C 217 7.97 17.14 -11.90
CA LEU C 217 9.38 17.48 -12.01
C LEU C 217 10.18 16.79 -10.92
N GLN C 218 9.64 16.77 -9.70
CA GLN C 218 10.34 16.15 -8.58
C GLN C 218 10.50 14.66 -8.79
N LYS C 219 9.49 13.99 -9.37
CA LYS C 219 9.65 12.56 -9.61
C LYS C 219 10.78 12.28 -10.59
N LEU C 220 10.92 13.12 -11.63
CA LEU C 220 12.05 12.93 -12.54
C LEU C 220 13.36 13.24 -11.85
N LEU C 221 13.41 14.36 -11.13
CA LEU C 221 14.65 14.77 -10.46
C LEU C 221 15.09 13.77 -9.40
N SER C 222 14.15 13.05 -8.78
CA SER C 222 14.50 12.05 -7.77
CA SER C 222 14.50 12.06 -7.77
C SER C 222 15.42 10.97 -8.33
N GLU C 223 15.46 10.82 -9.65
CA GLU C 223 16.35 9.82 -10.24
C GLU C 223 17.80 10.30 -10.33
N GLU C 224 18.09 11.51 -9.83
CA GLU C 224 19.43 12.09 -9.84
C GLU C 224 19.90 12.32 -11.28
N ILE C 225 19.37 13.37 -11.92
CA ILE C 225 19.65 13.69 -13.32
C ILE C 225 20.96 14.48 -13.43
N ASP C 226 21.78 14.12 -14.41
CA ASP C 226 23.02 14.85 -14.65
C ASP C 226 22.76 16.08 -15.51
N GLY C 227 23.61 17.09 -15.34
CA GLY C 227 23.62 18.20 -16.27
C GLY C 227 22.61 19.26 -15.89
N ASP C 228 22.34 20.13 -16.84
CA ASP C 228 21.58 21.32 -16.56
C ASP C 228 20.14 21.18 -17.01
N VAL C 229 19.30 22.01 -16.43
CA VAL C 229 17.91 22.17 -16.85
C VAL C 229 17.82 23.52 -17.53
N CYS C 230 17.25 23.54 -18.72
CA CYS C 230 16.93 24.80 -19.40
C CYS C 230 15.54 25.24 -18.94
N ILE C 231 15.46 26.40 -18.28
CA ILE C 231 14.20 26.91 -17.79
C ILE C 231 13.79 28.11 -18.65
N GLU C 232 12.58 28.05 -19.19
CA GLU C 232 12.07 29.12 -20.03
C GLU C 232 10.72 29.55 -19.48
N LEU C 233 10.45 30.85 -19.48
CA LEU C 233 9.15 31.22 -18.96
C LEU C 233 8.66 32.51 -19.58
N SER C 234 7.35 32.65 -19.50
CA SER C 234 6.60 33.88 -19.73
C SER C 234 5.75 34.12 -18.51
N GLU C 235 4.82 35.05 -18.60
CA GLU C 235 3.90 35.19 -17.48
C GLU C 235 2.75 34.18 -17.53
N THR C 236 2.65 33.39 -18.60
CA THR C 236 1.59 32.40 -18.74
C THR C 236 2.06 30.95 -18.72
N LYS C 237 3.30 30.65 -19.11
CA LYS C 237 3.77 29.27 -19.15
C LYS C 237 5.21 29.17 -18.70
N ILE C 238 5.59 28.00 -18.22
CA ILE C 238 6.98 27.72 -17.86
C ILE C 238 7.34 26.35 -18.43
N ARG C 239 8.59 26.21 -18.85
CA ARG C 239 9.06 24.99 -19.50
C ARG C 239 10.39 24.60 -18.88
N PHE C 240 10.52 23.31 -18.57
CA PHE C 240 11.77 22.75 -18.05
C PHE C 240 12.23 21.70 -19.04
N SER C 241 13.43 21.89 -19.58
CA SER C 241 14.01 20.92 -20.50
C SER C 241 15.23 20.30 -19.83
N LEU C 242 15.25 18.99 -19.72
CA LEU C 242 16.41 18.34 -19.11
C LEU C 242 16.52 16.95 -19.69
N GLY C 243 17.73 16.53 -20.03
CA GLY C 243 17.90 15.25 -20.69
C GLY C 243 17.11 15.21 -21.98
N SER C 244 16.34 14.13 -22.16
CA SER C 244 15.45 14.00 -23.30
C SER C 244 14.00 14.31 -22.95
N VAL C 245 13.78 14.97 -21.81
CA VAL C 245 12.44 15.22 -21.29
C VAL C 245 12.18 16.72 -21.34
N VAL C 246 10.96 17.08 -21.73
CA VAL C 246 10.52 18.48 -21.65
C VAL C 246 9.19 18.52 -20.92
N PHE C 247 9.12 19.34 -19.86
CA PHE C 247 7.88 19.65 -19.11
C PHE C 247 7.43 21.05 -19.48
N THR C 248 6.17 21.22 -19.91
CA THR C 248 5.63 22.55 -20.13
C THR C 248 4.34 22.69 -19.34
N SER C 249 4.26 23.75 -18.53
CA SER C 249 3.13 23.90 -17.61
C SER C 249 2.55 25.30 -17.73
N LYS C 250 1.23 25.39 -17.65
CA LYS C 250 0.63 26.69 -17.37
C LYS C 250 1.13 27.17 -16.01
N LEU C 251 1.09 28.47 -15.82
CA LEU C 251 1.38 29.06 -14.52
C LEU C 251 0.06 29.36 -13.83
N VAL C 252 0.07 29.41 -12.51
CA VAL C 252 -1.15 29.75 -11.79
C VAL C 252 -1.48 31.21 -12.03
N ASP C 253 -2.72 31.49 -12.44
CA ASP C 253 -3.17 32.84 -12.79
C ASP C 253 -3.68 33.50 -11.51
N GLY C 254 -2.76 34.09 -10.76
CA GLY C 254 -3.10 34.78 -9.54
C GLY C 254 -1.88 35.51 -9.02
N THR C 255 -2.06 36.22 -7.92
CA THR C 255 -0.98 36.97 -7.31
C THR C 255 -0.62 36.33 -5.97
N PHE C 256 0.65 35.96 -5.80
CA PHE C 256 1.09 35.34 -4.56
C PHE C 256 1.10 36.35 -3.41
N PRO C 257 0.79 35.94 -2.18
CA PRO C 257 0.76 36.90 -1.06
C PRO C 257 2.13 37.52 -0.77
N ASP C 258 2.08 38.61 -0.02
CA ASP C 258 3.27 39.36 0.41
C ASP C 258 3.89 38.60 1.58
N TYR C 259 4.50 37.46 1.23
CA TYR C 259 4.96 36.49 2.21
C TYR C 259 6.05 37.03 3.12
N GLN C 260 6.80 38.05 2.69
CA GLN C 260 7.85 38.57 3.57
C GLN C 260 7.27 39.13 4.85
N ARG C 261 6.00 39.49 4.86
CA ARG C 261 5.41 40.00 6.08
C ARG C 261 5.34 38.96 7.19
N VAL C 262 5.38 37.67 6.86
CA VAL C 262 5.19 36.65 7.90
C VAL C 262 6.50 36.08 8.44
N ILE C 263 7.64 36.44 7.87
CA ILE C 263 8.90 35.82 8.28
C ILE C 263 9.42 36.60 9.48
N PRO C 264 9.42 36.01 10.67
CA PRO C 264 9.75 36.78 11.86
C PRO C 264 11.27 36.90 12.00
N LEU C 265 11.79 38.06 11.67
CA LEU C 265 13.22 38.24 11.83
C LEU C 265 13.60 38.81 13.19
N GLY C 266 12.62 39.22 13.99
CA GLY C 266 12.88 39.76 15.29
C GLY C 266 12.68 38.84 16.47
N ASN C 267 12.30 37.57 16.27
CA ASN C 267 12.09 36.68 17.40
C ASN C 267 13.35 36.56 18.24
N ASP C 268 13.18 36.55 19.57
CA ASP C 268 14.31 36.73 20.48
C ASP C 268 14.45 35.62 21.53
N ARG C 269 13.70 34.54 21.44
CA ARG C 269 13.88 33.37 22.29
C ARG C 269 14.38 32.21 21.42
N LYS C 270 15.56 31.69 21.73
CA LYS C 270 16.16 30.65 20.92
C LYS C 270 16.11 29.31 21.63
N LEU C 271 15.56 28.29 20.97
CA LEU C 271 15.51 26.93 21.48
C LEU C 271 16.33 26.05 20.55
N ILE C 272 17.29 25.30 21.10
CA ILE C 272 18.04 24.32 20.34
C ILE C 272 17.76 22.94 20.92
N VAL C 273 17.42 21.99 20.07
CA VAL C 273 17.18 20.63 20.50
C VAL C 273 17.93 19.69 19.57
N ASN C 274 18.20 18.49 20.07
CA ASN C 274 18.68 17.42 19.20
C ASN C 274 17.55 17.03 18.27
N ARG C 275 17.80 17.15 16.97
CA ARG C 275 16.71 17.02 16.01
C ARG C 275 16.07 15.63 16.07
N GLN C 276 16.89 14.59 16.15
CA GLN C 276 16.39 13.22 16.13
CA GLN C 276 16.34 13.24 16.12
C GLN C 276 15.62 12.91 17.42
N ASP C 277 16.16 13.36 18.56
CA ASP C 277 15.46 13.14 19.82
C ASP C 277 14.13 13.87 19.85
N PHE C 278 14.11 15.10 19.33
CA PHE C 278 12.86 15.88 19.27
C PHE C 278 11.85 15.22 18.34
N SER C 279 12.31 14.83 17.14
CA SER C 279 11.41 14.19 16.18
C SER C 279 10.81 12.90 16.75
N SER C 280 11.63 12.05 17.37
CA SER C 280 11.11 10.79 17.89
CA SER C 280 11.09 10.80 17.87
C SER C 280 10.13 11.03 19.03
N ALA C 281 10.41 12.01 19.88
CA ALA C 281 9.49 12.31 20.98
C ALA C 281 8.16 12.84 20.48
N VAL C 282 8.18 13.76 19.50
CA VAL C 282 6.95 14.28 18.92
C VAL C 282 6.20 13.15 18.25
N ASP C 283 6.90 12.31 17.49
CA ASP C 283 6.27 11.16 16.88
C ASP C 283 5.57 10.29 17.91
N ARG C 284 6.25 10.02 19.03
CA ARG C 284 5.65 9.16 20.05
C ARG C 284 4.38 9.78 20.63
N VAL C 285 4.45 11.03 21.11
CA VAL C 285 3.29 11.56 21.84
C VAL C 285 2.14 11.86 20.90
N SER C 286 2.41 12.09 19.61
CA SER C 286 1.33 12.37 18.67
C SER C 286 0.58 11.12 18.24
N THR C 287 1.01 9.94 18.68
CA THR C 287 0.34 8.71 18.28
C THR C 287 -1.13 8.73 18.69
N ILE C 288 -1.46 9.46 19.76
CA ILE C 288 -2.85 9.45 20.25
C ILE C 288 -3.74 10.44 19.53
N SER C 289 -3.21 11.22 18.58
CA SER C 289 -4.04 12.25 17.96
C SER C 289 -4.95 11.63 16.90
N ASN C 290 -5.98 12.38 16.52
CA ASN C 290 -6.92 11.92 15.50
C ASN C 290 -7.42 13.14 14.72
N ASP C 291 -8.59 13.01 14.08
CA ASP C 291 -9.09 14.07 13.19
C ASP C 291 -9.40 15.38 13.92
N ARG C 292 -9.53 15.36 15.25
CA ARG C 292 -9.84 16.60 15.95
C ARG C 292 -8.71 17.61 15.87
N GLY C 293 -7.49 17.14 15.71
CA GLY C 293 -6.32 17.99 15.71
C GLY C 293 -5.10 17.20 16.10
N ARG C 294 -3.95 17.81 15.89
CA ARG C 294 -2.66 17.21 16.12
C ARG C 294 -1.81 18.12 16.98
N ALA C 295 -2.44 18.85 17.90
CA ALA C 295 -1.68 19.81 18.69
C ALA C 295 -0.74 19.09 19.63
N VAL C 296 0.49 19.60 19.75
CA VAL C 296 1.40 19.21 20.81
C VAL C 296 1.85 20.49 21.50
N LYS C 297 1.79 20.47 22.84
CA LYS C 297 2.22 21.61 23.65
C LYS C 297 3.67 21.42 24.06
N LEU C 298 4.48 22.42 23.74
CA LEU C 298 5.86 22.48 24.19
C LEU C 298 5.92 23.39 25.41
N THR C 299 6.35 22.84 26.52
CA THR C 299 6.61 23.63 27.72
C THR C 299 8.12 23.79 27.83
N ILE C 300 8.60 25.00 27.59
CA ILE C 300 10.02 25.25 27.42
C ILE C 300 10.52 25.96 28.67
N GLU C 301 11.50 25.37 29.33
CA GLU C 301 12.13 25.92 30.50
C GLU C 301 13.64 25.86 30.30
N HIS C 302 14.39 26.45 31.23
CA HIS C 302 15.83 26.42 31.14
C HIS C 302 16.33 24.98 31.05
N GLY C 303 16.97 24.65 29.93
CA GLY C 303 17.62 23.38 29.77
C GLY C 303 16.70 22.21 29.47
N GLN C 304 15.40 22.43 29.31
CA GLN C 304 14.45 21.33 29.38
C GLN C 304 13.23 21.62 28.51
N LEU C 305 12.79 20.62 27.75
CA LEU C 305 11.58 20.73 26.96
C LEU C 305 10.64 19.60 27.31
N LYS C 306 9.41 19.93 27.70
CA LYS C 306 8.37 18.92 27.88
C LYS C 306 7.35 19.02 26.77
N LEU C 307 6.85 17.87 26.33
CA LEU C 307 5.85 17.78 25.27
C LEU C 307 4.61 17.15 25.86
N VAL C 308 3.44 17.68 25.51
CA VAL C 308 2.17 17.09 25.98
C VAL C 308 1.16 17.10 24.85
N VAL C 309 0.48 15.96 24.67
CA VAL C 309 -0.62 15.83 23.71
C VAL C 309 -1.84 15.35 24.48
N ASN C 310 -3.01 15.95 24.19
CA ASN C 310 -4.27 15.55 24.83
C ASN C 310 -5.27 15.31 23.71
N ASN C 311 -5.98 14.20 23.77
CA ASN C 311 -7.03 13.88 22.80
C ASN C 311 -8.22 13.33 23.56
N PRO C 312 -9.39 13.98 23.48
CA PRO C 312 -10.51 13.54 24.31
C PRO C 312 -11.02 12.16 23.98
N ASP C 313 -10.66 11.62 22.81
CA ASP C 313 -11.11 10.30 22.43
C ASP C 313 -10.12 9.20 22.84
N SER C 314 -8.93 9.55 23.31
CA SER C 314 -7.94 8.50 23.61
CA SER C 314 -7.93 8.51 23.61
C SER C 314 -7.16 8.70 24.91
N GLY C 315 -6.90 9.91 25.35
CA GLY C 315 -6.12 10.09 26.56
C GLY C 315 -5.08 11.18 26.42
N SER C 316 -3.91 10.98 27.02
CA SER C 316 -2.86 11.99 27.01
C SER C 316 -1.52 11.30 26.85
N ALA C 317 -0.52 12.10 26.47
CA ALA C 317 0.81 11.57 26.19
C ALA C 317 1.80 12.67 26.49
N GLU C 318 2.88 12.34 27.19
CA GLU C 318 3.89 13.35 27.47
C GLU C 318 5.28 12.75 27.29
N ASP C 319 6.25 13.63 27.09
CA ASP C 319 7.65 13.22 26.99
C ASP C 319 8.50 14.42 27.42
N GLN C 320 9.80 14.18 27.57
CA GLN C 320 10.67 15.26 27.99
C GLN C 320 12.04 15.08 27.35
N LEU C 321 12.68 16.19 27.00
CA LEU C 321 13.98 16.18 26.36
C LEU C 321 14.86 17.25 26.96
N ALA C 322 16.17 17.00 26.96
CA ALA C 322 17.13 18.06 27.19
C ALA C 322 17.02 19.08 26.06
N ALA C 323 17.28 20.34 26.41
CA ALA C 323 17.25 21.40 25.42
C ALA C 323 18.24 22.46 25.85
N THR C 324 18.70 23.24 24.88
CA THR C 324 19.46 24.44 25.18
C THR C 324 18.47 25.60 25.07
N TYR C 325 18.23 26.26 26.20
CA TYR C 325 17.23 27.32 26.26
C TYR C 325 17.49 28.10 27.53
N THR C 326 17.69 29.41 27.39
CA THR C 326 18.01 30.27 28.51
C THR C 326 17.08 31.46 28.62
N SER C 327 15.96 31.46 27.90
CA SER C 327 15.05 32.60 27.89
C SER C 327 13.92 32.43 28.90
N GLU C 328 12.99 33.36 28.89
CA GLU C 328 11.80 33.28 29.72
C GLU C 328 11.03 32.01 29.39
N PRO C 329 10.59 31.24 30.38
CA PRO C 329 9.83 30.01 30.08
C PRO C 329 8.64 30.31 29.17
N LEU C 330 8.29 29.34 28.33
CA LEU C 330 7.26 29.55 27.35
C LEU C 330 6.49 28.26 27.15
N GLU C 331 5.16 28.37 27.07
CA GLU C 331 4.30 27.28 26.64
C GLU C 331 3.73 27.64 25.27
N ILE C 332 3.98 26.79 24.28
CA ILE C 332 3.59 27.08 22.91
C ILE C 332 3.19 25.78 22.24
N GLY C 333 2.14 25.83 21.44
CA GLY C 333 1.61 24.65 20.77
C GLY C 333 1.89 24.72 19.29
N PHE C 334 2.04 23.55 18.69
CA PHE C 334 2.19 23.39 17.24
C PHE C 334 1.45 22.14 16.79
N ASN C 335 1.09 22.14 15.50
CA ASN C 335 0.66 20.92 14.84
C ASN C 335 1.82 19.95 14.78
N SER C 336 1.64 18.76 15.39
CA SER C 336 2.75 17.82 15.52
C SER C 336 3.21 17.31 14.16
N ARG C 337 2.28 17.07 13.24
CA ARG C 337 2.68 16.62 11.91
CA ARG C 337 2.67 16.62 11.91
C ARG C 337 3.51 17.70 11.21
N TYR C 338 3.13 18.96 11.36
CA TYR C 338 3.91 20.02 10.72
C TYR C 338 5.30 20.12 11.33
N LEU C 339 5.41 19.92 12.66
CA LEU C 339 6.73 19.89 13.28
C LEU C 339 7.58 18.76 12.70
N LEU C 340 6.99 17.58 12.53
CA LEU C 340 7.75 16.47 11.94
C LEU C 340 8.12 16.76 10.49
N ASP C 341 7.19 17.39 9.75
CA ASP C 341 7.52 17.77 8.37
C ASP C 341 8.77 18.64 8.33
N ILE C 342 8.84 19.67 9.18
CA ILE C 342 9.97 20.58 9.11
C ILE C 342 11.23 19.93 9.67
N ALA C 343 11.09 19.16 10.76
CA ALA C 343 12.26 18.42 11.25
C ALA C 343 12.83 17.52 10.16
N GLY C 344 11.95 16.91 9.37
CA GLY C 344 12.40 16.10 8.24
C GLY C 344 13.13 16.85 7.15
N GLN C 345 12.95 18.18 7.07
CA GLN C 345 13.66 18.96 6.06
C GLN C 345 15.12 19.18 6.40
N LEU C 346 15.46 19.13 7.69
CA LEU C 346 16.76 19.53 8.17
C LEU C 346 17.72 18.35 8.11
N SER C 347 19.01 18.66 7.99
CA SER C 347 20.02 17.64 7.86
C SER C 347 20.98 17.58 9.04
N SER C 348 20.90 18.52 9.97
CA SER C 348 21.90 18.60 11.02
C SER C 348 21.39 17.95 12.30
N ASP C 349 22.33 17.67 13.21
CA ASP C 349 21.93 17.15 14.50
C ASP C 349 21.13 18.16 15.31
N GLU C 350 21.26 19.45 15.01
CA GLU C 350 20.70 20.49 15.86
C GLU C 350 19.55 21.20 15.14
N MET C 351 18.40 21.25 15.80
CA MET C 351 17.23 21.96 15.29
C MET C 351 17.02 23.21 16.13
N VAL C 352 16.94 24.38 15.49
CA VAL C 352 16.84 25.64 16.19
C VAL C 352 15.47 26.27 15.92
N PHE C 353 14.76 26.64 16.98
CA PHE C 353 13.54 27.45 16.87
C PHE C 353 13.84 28.85 17.38
N MET C 354 13.47 29.86 16.59
CA MET C 354 13.46 31.24 17.06
C MET C 354 12.01 31.60 17.36
N LEU C 355 11.73 31.88 18.64
CA LEU C 355 10.37 32.01 19.09
C LEU C 355 10.12 33.41 19.63
N SER C 356 8.85 33.77 19.65
CA SER C 356 8.43 35.00 20.32
C SER C 356 7.45 34.59 21.42
N ASP C 357 6.17 34.88 21.23
CA ASP C 357 5.16 34.50 22.18
C ASP C 357 4.37 33.30 21.65
N ALA C 358 3.35 32.90 22.41
CA ALA C 358 2.68 31.65 22.11
C ALA C 358 1.80 31.69 20.88
N VAL C 359 1.47 32.86 20.35
CA VAL C 359 0.65 32.87 19.14
C VAL C 359 1.36 33.57 17.99
N ALA C 360 2.69 33.70 18.06
CA ALA C 360 3.46 34.33 16.99
C ALA C 360 4.22 33.29 16.18
N PRO C 361 4.43 33.54 14.90
CA PRO C 361 5.12 32.54 14.06
C PRO C 361 6.52 32.22 14.59
N ALA C 362 6.90 30.96 14.43
CA ALA C 362 8.22 30.48 14.81
C ALA C 362 9.07 30.38 13.56
N LEU C 363 10.35 30.74 13.68
CA LEU C 363 11.32 30.62 12.60
C LEU C 363 12.20 29.41 12.90
N ILE C 364 12.29 28.48 11.95
CA ILE C 364 12.96 27.19 12.17
C ILE C 364 14.01 26.97 11.09
N ARG C 365 15.12 26.36 11.49
CA ARG C 365 16.19 26.06 10.54
C ARG C 365 17.17 25.08 11.16
N ASP C 366 17.92 24.42 10.27
CA ASP C 366 19.18 23.80 10.66
C ASP C 366 20.09 24.84 11.26
N ASN C 367 20.64 24.54 12.43
CA ASN C 367 21.56 25.46 13.09
C ASN C 367 22.61 25.98 12.12
N ASN C 368 22.99 25.17 11.12
CA ASN C 368 24.10 25.57 10.25
C ASN C 368 23.65 26.64 9.24
N ASN C 369 22.66 26.32 8.40
CA ASN C 369 22.68 26.91 7.07
C ASN C 369 22.05 28.29 7.03
N ALA C 370 22.32 28.99 5.92
CA ALA C 370 21.92 30.36 5.73
C ALA C 370 21.01 30.58 4.53
N GLU C 371 20.73 29.56 3.72
CA GLU C 371 19.99 29.77 2.48
C GLU C 371 18.53 29.33 2.57
N VAL C 372 18.18 28.52 3.56
CA VAL C 372 16.84 27.93 3.70
C VAL C 372 16.27 28.30 5.07
N LEU C 373 15.01 28.70 5.11
CA LEU C 373 14.37 28.88 6.41
C LEU C 373 12.95 28.37 6.32
N TYR C 374 12.40 28.01 7.48
CA TYR C 374 11.02 27.60 7.57
C TYR C 374 10.32 28.45 8.61
N VAL C 375 9.03 28.67 8.39
CA VAL C 375 8.19 29.36 9.35
C VAL C 375 7.01 28.47 9.70
N LEU C 376 6.66 28.41 10.98
CA LEU C 376 5.53 27.60 11.39
C LEU C 376 4.66 28.38 12.37
N MET C 377 3.35 28.46 12.06
CA MET C 377 2.42 29.13 12.95
C MET C 377 2.08 28.23 14.14
N PRO C 378 2.02 28.76 15.35
CA PRO C 378 1.58 27.94 16.48
C PRO C 378 0.08 27.68 16.44
N VAL C 379 -0.36 26.82 17.36
CA VAL C 379 -1.79 26.60 17.60
C VAL C 379 -2.01 26.78 19.11
N ARG C 380 -3.25 27.09 19.48
CA ARG C 380 -3.52 27.32 20.89
C ARG C 380 -3.58 26.01 21.65
N VAL C 381 -3.03 26.03 22.88
CA VAL C 381 -3.01 24.89 23.76
C VAL C 381 -3.30 25.39 25.18
C ACE D 1 -6.24 27.59 17.03
O ACE D 1 -5.15 27.21 17.32
CH3 ACE D 1 -7.31 27.98 18.01
N MVA D 2 -6.49 27.64 15.63
CN MVA D 2 -7.81 28.09 15.17
CA MVA D 2 -5.53 27.26 14.60
CB MVA D 2 -5.96 25.98 13.86
CG1 MVA D 2 -4.92 25.54 12.84
CG2 MVA D 2 -6.22 24.85 14.85
C MVA D 2 -5.37 28.44 13.66
O MVA D 2 -5.92 28.50 12.59
C MP8 D 3 -3.69 30.49 12.14
N MP8 D 3 -4.61 29.43 14.13
O MP8 D 3 -2.91 29.56 12.05
CA MP8 D 3 -4.46 30.72 13.44
CB MP8 D 3 -3.73 31.66 14.39
CD MP8 D 3 -3.84 29.52 15.42
CE MP8 D 3 -2.41 31.31 16.55
CG MP8 D 3 -2.85 30.67 15.24
N NZC D 4 -3.90 31.34 11.15
O NZC D 4 -1.81 33.15 10.98
OG1 NZC D 4 -3.87 32.86 8.38
C NZC D 4 -1.79 32.22 10.18
CA NZC D 4 -2.95 31.26 9.99
CB NZC D 4 -3.60 31.48 8.61
CG2 NZC D 4 -4.85 30.64 8.41
C40 NZC D 4 -4.75 32.53 11.31
N LEU D 5 -0.72 31.94 9.44
CA LEU D 5 0.34 32.93 9.29
C LEU D 5 -0.31 34.22 8.84
C MP8 D 6 -0.10 37.02 7.43
N MP8 D 6 0.24 35.36 9.22
O MP8 D 6 0.36 38.12 7.13
CA MP8 D 6 -0.38 36.66 8.88
CB MP8 D 6 0.18 37.67 9.87
CD MP8 D 6 1.30 35.58 10.25
CE MP8 D 6 2.08 37.59 11.59
CG MP8 D 6 1.59 37.08 10.23
N LEU D 7 -0.43 36.12 6.51
CA LEU D 7 -0.23 36.34 5.07
C LEU D 7 -1.13 37.45 4.55
N MVA D 8 -0.57 38.36 3.76
CN MVA D 8 0.86 38.41 3.49
CA MVA D 8 -1.38 39.42 3.16
CB MVA D 8 -0.84 40.81 3.56
CG1 MVA D 8 -0.93 41.00 5.07
CG2 MVA D 8 -1.60 41.92 2.83
C MVA D 8 -1.44 39.28 1.64
O MVA D 8 -0.49 39.61 0.93
N PRO D 9 -2.57 38.79 1.13
CA PRO D 9 -3.80 38.39 1.82
C PRO D 9 -3.76 36.94 2.30
N MLU D 10 -4.77 36.49 3.03
CN MLU D 10 -5.91 37.28 3.53
CA MLU D 10 -4.90 35.03 3.29
C MLU D 10 -5.01 34.67 4.76
O MLU D 10 -5.87 33.90 5.18
CB MLU D 10 -6.06 34.44 2.50
CG MLU D 10 -5.90 34.53 0.98
CD1 MLU D 10 -7.17 34.06 0.29
CD2 MLU D 10 -4.71 33.71 0.53
N GLY D 11 -4.10 35.22 5.55
CA GLY D 11 -4.01 34.85 6.95
C GLY D 11 -3.71 33.37 7.11
C1 EDO E . -9.39 -6.07 38.22
O1 EDO E . -7.98 -6.02 37.99
C2 EDO E . -9.96 -7.28 37.51
O2 EDO E . -9.37 -8.46 38.06
C1 EDO F . -0.20 -24.70 -1.30
O1 EDO F . 0.68 -23.95 -2.14
C2 EDO F . 0.26 -26.15 -1.30
O2 EDO F . 1.69 -26.16 -1.25
C1 EDO G . -14.84 -17.59 21.18
O1 EDO G . -14.97 -18.66 22.13
C2 EDO G . -15.83 -17.87 20.08
O2 EDO G . -17.17 -17.74 20.61
C1 EDO H . -12.57 -14.25 -24.09
O1 EDO H . -12.24 -12.86 -23.86
C2 EDO H . -11.98 -14.76 -25.39
O2 EDO H . -12.81 -14.35 -26.49
C1 EDO I . 3.62 -30.51 5.40
O1 EDO I . 2.98 -31.78 5.20
C2 EDO I . 4.89 -30.67 6.23
O2 EDO I . 4.62 -31.54 7.32
I IOD J . -15.12 -14.57 -16.32
I IOD K . -23.79 -20.70 -18.42
I IOD L . -18.66 -33.42 19.28
I IOD M . -18.20 -1.19 25.81
I IOD N . 1.21 -34.55 11.47
I IOD O . -12.42 -12.35 -10.61
I IOD P . -24.26 -22.45 -0.01
C1 EDO Q . 0.67 23.34 -21.42
O1 EDO Q . -0.55 24.07 -21.58
C2 EDO Q . 0.84 22.41 -22.63
O2 EDO Q . 1.62 23.07 -23.64
I IOD R . 8.39 37.32 -19.54
I IOD S . -1.66 16.26 -36.56
I IOD T . 23.46 26.25 -10.74
I IOD U . -3.42 21.15 15.04
#